data_9N2F
#
_entry.id   9N2F
#
_cell.length_a   1.00
_cell.length_b   1.00
_cell.length_c   1.00
_cell.angle_alpha   90.00
_cell.angle_beta   90.00
_cell.angle_gamma   90.00
#
_symmetry.space_group_name_H-M   'P 1'
#
loop_
_entity.id
_entity.type
_entity.pdbx_description
1 polymer 'DNA uptake lipoprotein-like protein'
2 polymer 'Surface antigen (D15)'
#
loop_
_entity_poly.entity_id
_entity_poly.type
_entity_poly.pdbx_seq_one_letter_code
_entity_poly.pdbx_strand_id
1 'polypeptide(L)'
;MKKIVSLLIVAALFCSCSEYQKALKNEDVAAKFEVATKMYDAGKYNKAIRLFEQLAPTYRGKPQAEKLFYMFSQSYYKTK
QYYLAGYQFESFVSGYPRSEKVQEAAFLGAYSYSKLAPVYSLDQADTVKALDKLQAFIDNYPNSEYLAQANESVKILNGK
LEKKAYENAKGYNTISDYKSALVAFDNFIADFPGTPLKEDALFYKYDSAYQLAINSVPSKMEERLHVAQTAYANLMKYKS
DTKYKEKADQMNARVETDLQKFTK
;
F
2 'polypeptide(L)'
;MLQKRIPQIICTLLLLGSFSQIKAQDRVPFDQGKKYTLAKVSVVGKISFNEQTVVTFSGLQKGQEITVPGEEITSAIKKL
GKLGLFDEIAFYINKVENDSIYLDLNIVELPKLNEVKITGVKKSKVEGLIKDNNLTKNKIVNENLITTTKNYIENKYKKD
GFYNTKVVITTTPDTTAGNQVNMLVRVDKGDKVKISSIDFTGNKQLSDSKLRAAMKDTKQKNVLRVFKASKFIPEKYKTD
LEKVIASYKEKGYRDARIIYDSVIYNKKKNMLAIKIDVEEGNKYYFGNIKFLGNTVYSDQQLNRYLGIKKGETYNGVLLE
KRIADNTKPDGEDITNLYQNNGYLFSKINAVEVKTVNDTIDFEIRITEGPIAYFNKIYVTGNDKTNDHVIYRELRTKPGN
KYSKEELVRTIREIGQLGFFDPESIKPEFRNVDPAAGTVDIEYQLVEKGSSQVELQGGYGGGGFIGTLGLSFNNFSARKL
FDKDAYKPLPMGDGQKVALRLQGSTYFQTYSLSFSEPWFGGKKPVQFSSSISYSKQFNYNYSSRDVNRNQSFNIFTVQVG
LAKRLTVPDDYFVLSQSVSYQHYDLNNYYTGLFTFGNGASRNLAYTIGLSRSNKGVNPIFPTYGSEFSISAKVTPPYSLF
NNINYGDLQNQKEYKTQYTGTTTTTGIDGQAINPGDYTKTETVNGQSGTVSVGSDYKSADTDVGKVDQKKYNWLEYYKVK
FKADWYTKIYGKLVLRTLTEFGFLGAYDQSRGVVPFERFYLGGDGMANYSMDGRETIQLRGYPNNSLTPIIEDRNSSRYG
QQIGATIYNKFSMELRYPITLKSSASIYALTFLEAGSSYPTFKDYNPFDLNRSAGAGLRVFMPAFGLLGIDFGYGFDALP
GSTTNKANGWETHFIIGQQF
;
A
#
# COMPACT_ATOMS: atom_id res chain seq x y z
N GLN A 21 35.98 11.20 -37.86
CA GLN A 21 35.46 12.41 -37.23
C GLN A 21 35.68 13.62 -38.11
N LYS A 22 36.66 13.53 -39.01
CA LYS A 22 36.85 14.60 -39.99
C LYS A 22 35.64 14.71 -40.90
N ALA A 23 35.10 13.58 -41.35
CA ALA A 23 33.92 13.60 -42.19
C ALA A 23 32.68 14.03 -41.42
N LEU A 24 32.74 14.06 -40.10
CA LEU A 24 31.61 14.54 -39.31
C LEU A 24 31.32 16.01 -39.60
N LYS A 25 32.36 16.82 -39.75
CA LYS A 25 32.19 18.22 -40.07
C LYS A 25 32.19 18.46 -41.58
N ASN A 26 33.00 17.71 -42.33
CA ASN A 26 33.00 17.87 -43.78
C ASN A 26 31.71 17.34 -44.37
N GLU A 27 31.48 17.67 -45.65
CA GLU A 27 30.25 17.30 -46.34
C GLU A 27 30.55 16.64 -47.69
N ASP A 28 31.63 15.88 -47.78
CA ASP A 28 31.95 15.14 -48.99
C ASP A 28 31.39 13.72 -48.88
N VAL A 29 30.33 13.44 -49.64
CA VAL A 29 29.61 12.18 -49.49
C VAL A 29 30.53 10.99 -49.79
N ALA A 30 31.33 11.08 -50.85
CA ALA A 30 32.23 9.99 -51.19
C ALA A 30 33.23 9.74 -50.08
N ALA A 31 33.82 10.80 -49.52
CA ALA A 31 34.74 10.66 -48.40
C ALA A 31 34.05 10.07 -47.18
N LYS A 32 32.82 10.49 -46.88
CA LYS A 32 32.09 9.92 -45.75
C LYS A 32 31.84 8.44 -45.95
N PHE A 33 31.43 8.01 -47.14
CA PHE A 33 31.25 6.59 -47.37
C PHE A 33 32.57 5.83 -47.27
N GLU A 34 33.66 6.42 -47.77
CA GLU A 34 34.95 5.75 -47.70
C GLU A 34 35.39 5.54 -46.25
N VAL A 35 35.28 6.59 -45.43
CA VAL A 35 35.70 6.46 -44.03
C VAL A 35 34.75 5.53 -43.28
N ALA A 36 33.46 5.57 -43.60
CA ALA A 36 32.52 4.64 -42.97
C ALA A 36 32.89 3.21 -43.30
N THR A 37 33.24 2.94 -44.56
CA THR A 37 33.63 1.59 -44.96
C THR A 37 34.92 1.17 -44.26
N LYS A 38 35.87 2.10 -44.12
CA LYS A 38 37.13 1.77 -43.45
C LYS A 38 36.88 1.41 -41.99
N MET A 39 36.07 2.20 -41.28
CA MET A 39 35.75 1.86 -39.89
C MET A 39 34.97 0.55 -39.80
N TYR A 40 34.05 0.31 -40.73
CA TYR A 40 33.29 -0.95 -40.70
C TYR A 40 34.20 -2.15 -40.87
N ASP A 41 35.16 -2.06 -41.81
CA ASP A 41 36.13 -3.14 -41.98
C ASP A 41 37.02 -3.28 -40.76
N ALA A 42 37.42 -2.16 -40.16
CA ALA A 42 38.30 -2.21 -39.00
C ALA A 42 37.58 -2.67 -37.75
N GLY A 43 36.26 -2.65 -37.74
CA GLY A 43 35.49 -3.06 -36.58
C GLY A 43 35.02 -1.93 -35.68
N LYS A 44 35.21 -0.68 -36.07
CA LYS A 44 34.70 0.46 -35.31
C LYS A 44 33.25 0.71 -35.71
N TYR A 45 32.38 -0.21 -35.29
CA TYR A 45 31.00 -0.18 -35.74
C TYR A 45 30.23 0.97 -35.10
N ASN A 46 30.60 1.35 -33.88
CA ASN A 46 29.85 2.39 -33.18
C ASN A 46 29.94 3.73 -33.91
N LYS A 47 31.15 4.12 -34.32
CA LYS A 47 31.30 5.36 -35.07
C LYS A 47 30.70 5.24 -36.46
N ALA A 48 30.78 4.05 -37.05
CA ALA A 48 30.13 3.82 -38.34
C ALA A 48 28.62 4.07 -38.24
N ILE A 49 28.03 3.72 -37.09
CA ILE A 49 26.62 3.95 -36.87
C ILE A 49 26.34 5.45 -36.92
N ARG A 50 27.18 6.25 -36.26
CA ARG A 50 26.97 7.70 -36.27
C ARG A 50 27.10 8.26 -37.68
N LEU A 51 28.12 7.83 -38.42
CA LEU A 51 28.30 8.30 -39.79
C LEU A 51 27.15 7.91 -40.69
N PHE A 52 26.65 6.68 -40.59
CA PHE A 52 25.54 6.24 -41.42
C PHE A 52 24.25 6.92 -41.02
N GLU A 53 24.09 7.25 -39.73
CA GLU A 53 22.98 8.10 -39.33
C GLU A 53 23.07 9.47 -39.99
N GLN A 54 24.29 10.01 -40.08
CA GLN A 54 24.50 11.25 -40.80
C GLN A 54 24.08 11.11 -42.26
N LEU A 55 24.33 9.94 -42.85
CA LEU A 55 24.00 9.70 -44.25
C LEU A 55 22.69 8.95 -44.47
N ALA A 56 21.88 8.75 -43.43
CA ALA A 56 20.78 7.80 -43.55
C ALA A 56 19.72 8.25 -44.56
N PRO A 57 19.23 9.50 -44.52
CA PRO A 57 18.34 9.94 -45.61
C PRO A 57 19.12 10.57 -46.75
N THR A 58 20.40 10.86 -46.51
CA THR A 58 21.21 11.71 -47.38
C THR A 58 21.93 10.89 -48.45
N TYR A 59 21.86 9.56 -48.35
CA TYR A 59 22.60 8.71 -49.26
C TYR A 59 21.67 7.72 -49.94
N ARG A 60 20.40 7.72 -49.55
CA ARG A 60 19.42 6.81 -50.12
C ARG A 60 19.24 7.08 -51.61
N GLY A 61 19.16 6.00 -52.39
CA GLY A 61 18.99 6.12 -53.82
C GLY A 61 20.28 6.33 -54.59
N LYS A 62 21.23 7.03 -53.98
CA LYS A 62 22.51 7.28 -54.60
C LYS A 62 23.26 5.96 -54.79
N PRO A 63 24.20 5.88 -55.75
CA PRO A 63 24.95 4.62 -55.94
C PRO A 63 25.65 4.13 -54.68
N GLN A 64 26.09 2.87 -54.71
CA GLN A 64 26.68 2.20 -53.54
C GLN A 64 25.68 2.12 -52.40
N ALA A 65 24.39 2.06 -52.73
CA ALA A 65 23.33 2.00 -51.74
C ALA A 65 22.94 0.57 -51.38
N GLU A 66 23.60 -0.41 -51.99
CA GLU A 66 23.49 -1.79 -51.55
C GLU A 66 24.48 -2.12 -50.45
N LYS A 67 25.73 -1.69 -50.59
CA LYS A 67 26.66 -1.69 -49.48
C LYS A 67 26.24 -0.72 -48.40
N LEU A 68 25.65 0.41 -48.78
CA LEU A 68 24.96 1.27 -47.81
C LEU A 68 23.63 0.62 -47.44
N PHE A 69 23.18 0.92 -46.22
CA PHE A 69 21.96 0.34 -45.66
C PHE A 69 22.10 -1.17 -45.50
N TYR A 70 23.33 -1.69 -45.57
CA TYR A 70 23.54 -3.09 -45.23
C TYR A 70 24.61 -3.25 -44.15
N MET A 71 25.71 -2.50 -44.26
CA MET A 71 26.63 -2.45 -43.13
C MET A 71 26.07 -1.59 -42.00
N PHE A 72 25.19 -0.65 -42.32
CA PHE A 72 24.43 0.04 -41.28
C PHE A 72 23.61 -0.94 -40.46
N SER A 73 23.23 -2.07 -41.06
CA SER A 73 22.46 -3.07 -40.34
C SER A 73 23.36 -4.01 -39.55
N GLN A 74 24.44 -4.47 -40.18
CA GLN A 74 25.28 -5.46 -39.51
C GLN A 74 26.11 -4.82 -38.40
N SER A 75 26.41 -3.53 -38.54
CA SER A 75 27.05 -2.79 -37.46
C SER A 75 26.13 -2.76 -36.25
N TYR A 76 24.84 -2.52 -36.48
CA TYR A 76 23.86 -2.61 -35.41
C TYR A 76 23.86 -4.01 -34.79
N TYR A 77 23.88 -5.03 -35.64
CA TYR A 77 23.83 -6.40 -35.14
C TYR A 77 25.04 -6.75 -34.29
N LYS A 78 26.23 -6.29 -34.68
CA LYS A 78 27.46 -6.57 -33.93
C LYS A 78 27.59 -5.71 -32.67
N THR A 79 27.05 -4.49 -32.69
CA THR A 79 27.09 -3.66 -31.49
C THR A 79 25.95 -4.00 -30.53
N LYS A 80 25.08 -4.94 -30.89
CA LYS A 80 24.00 -5.45 -30.04
C LYS A 80 22.88 -4.44 -29.82
N GLN A 81 22.64 -3.54 -30.76
CA GLN A 81 21.40 -2.76 -30.79
C GLN A 81 20.40 -3.55 -31.62
N TYR A 82 19.76 -4.51 -30.97
CA TYR A 82 19.02 -5.54 -31.72
C TYR A 82 17.76 -4.96 -32.36
N TYR A 83 17.05 -4.07 -31.68
CA TYR A 83 15.84 -3.51 -32.25
C TYR A 83 16.16 -2.69 -33.50
N LEU A 84 17.20 -1.86 -33.42
CA LEU A 84 17.60 -1.08 -34.59
C LEU A 84 18.08 -1.97 -35.72
N ALA A 85 18.78 -3.06 -35.38
CA ALA A 85 19.19 -4.01 -36.39
C ALA A 85 17.99 -4.61 -37.10
N GLY A 86 16.97 -4.99 -36.33
CA GLY A 86 15.77 -5.52 -36.94
C GLY A 86 15.07 -4.52 -37.84
N TYR A 87 14.95 -3.27 -37.38
CA TYR A 87 14.28 -2.25 -38.18
C TYR A 87 15.05 -2.03 -39.49
N GLN A 88 16.36 -1.84 -39.40
CA GLN A 88 17.14 -1.58 -40.61
C GLN A 88 17.14 -2.77 -41.56
N PHE A 89 17.22 -3.99 -41.02
CA PHE A 89 17.20 -5.16 -41.88
C PHE A 89 15.84 -5.32 -42.56
N GLU A 90 14.76 -5.04 -41.83
CA GLU A 90 13.44 -5.12 -42.44
C GLU A 90 13.27 -4.06 -43.52
N SER A 91 13.84 -2.88 -43.31
CA SER A 91 13.83 -1.86 -44.35
C SER A 91 14.65 -2.30 -45.56
N PHE A 92 15.78 -2.97 -45.32
CA PHE A 92 16.64 -3.39 -46.42
C PHE A 92 16.01 -4.51 -47.22
N VAL A 93 15.23 -5.39 -46.56
CA VAL A 93 14.58 -6.47 -47.30
C VAL A 93 13.33 -5.96 -47.98
N SER A 94 12.61 -5.03 -47.35
CA SER A 94 11.46 -4.41 -48.03
C SER A 94 11.92 -3.63 -49.25
N GLY A 95 13.01 -2.90 -49.13
CA GLY A 95 13.67 -2.35 -50.28
C GLY A 95 14.54 -3.39 -50.94
N TYR A 96 15.19 -2.98 -52.03
CA TYR A 96 16.15 -3.80 -52.77
C TYR A 96 15.69 -5.24 -52.92
N PRO A 97 14.46 -5.49 -53.40
CA PRO A 97 13.94 -6.87 -53.37
C PRO A 97 14.77 -7.84 -54.17
N ARG A 98 15.51 -7.36 -55.19
CA ARG A 98 16.35 -8.22 -56.00
C ARG A 98 17.81 -8.21 -55.55
N SER A 99 18.07 -7.84 -54.30
CA SER A 99 19.43 -7.85 -53.79
C SER A 99 19.97 -9.28 -53.76
N GLU A 100 21.28 -9.40 -53.95
CA GLU A 100 21.90 -10.72 -53.98
C GLU A 100 21.76 -11.44 -52.65
N LYS A 101 21.80 -10.70 -51.54
CA LYS A 101 21.77 -11.27 -50.21
C LYS A 101 20.51 -10.89 -49.44
N VAL A 102 19.36 -10.95 -50.13
CA VAL A 102 18.09 -10.66 -49.47
C VAL A 102 17.74 -11.73 -48.45
N GLN A 103 18.08 -12.98 -48.76
CA GLN A 103 17.81 -14.08 -47.83
C GLN A 103 18.56 -13.89 -46.52
N GLU A 104 19.84 -13.52 -46.61
CA GLU A 104 20.63 -13.26 -45.42
C GLU A 104 20.03 -12.12 -44.61
N ALA A 105 19.59 -11.07 -45.29
CA ALA A 105 18.99 -9.94 -44.59
C ALA A 105 17.71 -10.35 -43.87
N ALA A 106 16.87 -11.14 -44.53
CA ALA A 106 15.62 -11.56 -43.90
C ALA A 106 15.89 -12.42 -42.67
N PHE A 107 16.79 -13.39 -42.80
CA PHE A 107 17.09 -14.25 -41.66
C PHE A 107 17.70 -13.44 -40.52
N LEU A 108 18.62 -12.53 -40.84
CA LEU A 108 19.26 -11.75 -39.80
C LEU A 108 18.27 -10.85 -39.08
N GLY A 109 17.33 -10.25 -39.83
CA GLY A 109 16.32 -9.43 -39.19
C GLY A 109 15.42 -10.23 -38.28
N ALA A 110 14.97 -11.40 -38.76
CA ALA A 110 14.14 -12.24 -37.92
C ALA A 110 14.86 -12.67 -36.65
N TYR A 111 16.12 -13.07 -36.78
CA TYR A 111 16.89 -13.53 -35.63
C TYR A 111 17.16 -12.39 -34.65
N SER A 112 17.43 -11.19 -35.18
CA SER A 112 17.69 -10.05 -34.32
C SER A 112 16.43 -9.66 -33.55
N TYR A 113 15.27 -9.78 -34.17
CA TYR A 113 14.03 -9.54 -33.44
C TYR A 113 13.79 -10.66 -32.43
N SER A 114 14.19 -11.89 -32.77
CA SER A 114 14.01 -13.01 -31.85
C SER A 114 14.82 -12.84 -30.58
N LYS A 115 16.03 -12.28 -30.70
CA LYS A 115 16.88 -12.12 -29.52
C LYS A 115 16.35 -11.12 -28.52
N LEU A 116 15.25 -10.45 -28.82
CA LEU A 116 14.70 -9.41 -27.96
C LEU A 116 13.61 -9.93 -27.02
N ALA A 117 13.32 -11.23 -27.05
CA ALA A 117 12.23 -11.77 -26.25
C ALA A 117 12.55 -11.68 -24.76
N PRO A 118 11.61 -11.30 -23.92
CA PRO A 118 11.86 -11.18 -22.48
C PRO A 118 11.83 -12.56 -21.82
N VAL A 119 12.16 -12.57 -20.53
CA VAL A 119 12.15 -13.80 -19.73
C VAL A 119 10.71 -14.28 -19.62
N TYR A 120 10.53 -15.54 -19.21
CA TYR A 120 9.21 -16.16 -19.24
C TYR A 120 8.23 -15.51 -18.26
N SER A 121 8.71 -14.72 -17.31
CA SER A 121 7.85 -14.16 -16.28
C SER A 121 7.27 -12.80 -16.65
N LEU A 122 7.63 -12.24 -17.80
CA LEU A 122 7.11 -10.95 -18.23
C LEU A 122 6.20 -11.15 -19.44
N ASP A 123 5.72 -10.03 -19.98
CA ASP A 123 4.78 -10.07 -21.10
C ASP A 123 5.49 -10.58 -22.34
N GLN A 124 5.05 -11.73 -22.85
CA GLN A 124 5.63 -12.27 -24.07
C GLN A 124 4.90 -11.73 -25.29
N ALA A 125 4.77 -10.40 -25.36
CA ALA A 125 4.19 -9.76 -26.53
C ALA A 125 5.18 -9.61 -27.68
N ASP A 126 6.47 -9.66 -27.39
CA ASP A 126 7.51 -9.66 -28.42
C ASP A 126 7.87 -11.05 -28.88
N THR A 127 7.63 -12.07 -28.04
CA THR A 127 7.82 -13.45 -28.44
C THR A 127 6.88 -13.85 -29.58
N VAL A 128 5.61 -13.44 -29.51
CA VAL A 128 4.68 -13.77 -30.58
C VAL A 128 5.08 -13.08 -31.88
N LYS A 129 5.55 -11.83 -31.79
CA LYS A 129 6.02 -11.13 -32.97
C LYS A 129 7.26 -11.80 -33.57
N ALA A 130 8.20 -12.22 -32.72
CA ALA A 130 9.39 -12.90 -33.20
C ALA A 130 9.01 -14.23 -33.87
N LEU A 131 8.10 -14.98 -33.26
CA LEU A 131 7.65 -16.22 -33.88
C LEU A 131 6.97 -15.98 -35.22
N ASP A 132 6.15 -14.93 -35.32
CA ASP A 132 5.50 -14.61 -36.57
C ASP A 132 6.53 -14.30 -37.65
N LYS A 133 7.53 -13.48 -37.31
CA LYS A 133 8.54 -13.11 -38.28
C LYS A 133 9.37 -14.32 -38.72
N LEU A 134 9.75 -15.16 -37.77
CA LEU A 134 10.55 -16.33 -38.11
C LEU A 134 9.75 -17.35 -38.92
N GLN A 135 8.47 -17.52 -38.59
CA GLN A 135 7.62 -18.40 -39.38
C GLN A 135 7.45 -17.85 -40.79
N ALA A 136 7.35 -16.53 -40.93
CA ALA A 136 7.31 -15.93 -42.26
C ALA A 136 8.58 -16.22 -43.02
N PHE A 137 9.74 -16.12 -42.36
CA PHE A 137 11.00 -16.42 -43.04
C PHE A 137 11.10 -17.91 -43.38
N ILE A 138 10.42 -18.77 -42.60
CA ILE A 138 10.52 -20.19 -42.87
C ILE A 138 9.57 -20.58 -44.00
N ASP A 139 8.45 -19.86 -44.13
CA ASP A 139 7.50 -20.18 -45.19
C ASP A 139 7.99 -19.67 -46.54
N ASN A 140 8.61 -18.49 -46.55
CA ASN A 140 9.17 -17.91 -47.76
C ASN A 140 10.68 -18.06 -47.73
N TYR A 141 11.24 -18.59 -48.82
CA TYR A 141 12.57 -19.20 -48.87
C TYR A 141 12.59 -20.45 -48.00
N PRO A 142 11.83 -21.49 -48.34
CA PRO A 142 11.83 -22.69 -47.49
C PRO A 142 13.00 -23.62 -47.79
N ASN A 143 14.17 -23.03 -47.99
CA ASN A 143 15.41 -23.79 -48.17
C ASN A 143 16.61 -22.87 -48.04
N SER A 144 17.51 -23.17 -47.12
CA SER A 144 18.69 -22.35 -46.89
C SER A 144 19.62 -23.00 -45.87
N GLU A 145 20.76 -22.37 -45.61
CA GLU A 145 21.64 -22.80 -44.54
C GLU A 145 21.25 -22.20 -43.19
N TYR A 146 20.26 -21.31 -43.18
CA TYR A 146 19.78 -20.69 -41.96
C TYR A 146 18.45 -21.28 -41.48
N LEU A 147 17.93 -22.28 -42.19
CA LEU A 147 16.64 -22.87 -41.80
C LEU A 147 16.74 -23.57 -40.45
N ALA A 148 17.83 -24.30 -40.21
CA ALA A 148 17.98 -25.04 -38.97
C ALA A 148 18.04 -24.11 -37.76
N GLN A 149 18.83 -23.03 -37.86
CA GLN A 149 18.93 -22.08 -36.76
C GLN A 149 17.61 -21.39 -36.50
N ALA A 150 16.88 -21.05 -37.56
CA ALA A 150 15.57 -20.44 -37.40
C ALA A 150 14.59 -21.40 -36.72
N ASN A 151 14.64 -22.69 -37.10
CA ASN A 151 13.78 -23.67 -36.45
C ASN A 151 14.13 -23.80 -34.97
N GLU A 152 15.42 -23.80 -34.64
CA GLU A 152 15.83 -23.88 -33.24
C GLU A 152 15.34 -22.66 -32.45
N SER A 153 15.43 -21.47 -33.05
CA SER A 153 14.92 -20.28 -32.38
C SER A 153 13.41 -20.36 -32.17
N VAL A 154 12.68 -20.85 -33.18
CA VAL A 154 11.24 -21.01 -33.03
C VAL A 154 10.94 -21.97 -31.88
N LYS A 155 11.71 -23.06 -31.79
CA LYS A 155 11.48 -24.04 -30.74
C LYS A 155 11.73 -23.45 -29.35
N ILE A 156 12.83 -22.69 -29.20
CA ILE A 156 13.13 -22.14 -27.88
C ILE A 156 12.12 -21.06 -27.49
N LEU A 157 11.64 -20.28 -28.47
CA LEU A 157 10.60 -19.30 -28.16
C LEU A 157 9.30 -19.98 -27.74
N ASN A 158 8.93 -21.07 -28.43
CA ASN A 158 7.76 -21.82 -28.01
C ASN A 158 7.97 -22.43 -26.62
N GLY A 159 9.21 -22.78 -26.30
CA GLY A 159 9.50 -23.26 -24.96
C GLY A 159 9.29 -22.18 -23.91
N LYS A 160 9.68 -20.95 -24.22
CA LYS A 160 9.42 -19.83 -23.32
C LYS A 160 7.91 -19.67 -23.10
N LEU A 161 7.15 -19.73 -24.19
CA LEU A 161 5.70 -19.61 -24.09
C LEU A 161 5.10 -20.72 -23.24
N GLU A 162 5.56 -21.95 -23.42
CA GLU A 162 5.06 -23.07 -22.62
C GLU A 162 5.43 -22.94 -21.15
N LYS A 163 6.66 -22.54 -20.86
CA LYS A 163 7.10 -22.37 -19.48
C LYS A 163 6.33 -21.28 -18.76
N LYS A 164 5.94 -20.21 -19.47
CA LYS A 164 5.08 -19.21 -18.82
C LYS A 164 3.79 -19.84 -18.30
N ALA A 165 3.09 -20.60 -19.12
CA ALA A 165 1.84 -21.23 -18.71
C ALA A 165 2.08 -22.24 -17.60
N TYR A 166 3.15 -23.03 -17.70
CA TYR A 166 3.42 -24.02 -16.66
C TYR A 166 3.69 -23.37 -15.32
N GLU A 167 4.46 -22.28 -15.30
CA GLU A 167 4.74 -21.60 -14.05
C GLU A 167 3.51 -20.90 -13.49
N ASN A 168 2.67 -20.32 -14.35
CA ASN A 168 1.42 -19.73 -13.87
C ASN A 168 0.50 -20.79 -13.28
N ALA A 169 0.52 -22.00 -13.84
CA ALA A 169 -0.27 -23.08 -13.27
C ALA A 169 0.30 -23.55 -11.94
N LYS A 170 1.63 -23.67 -11.85
CA LYS A 170 2.25 -24.10 -10.60
C LYS A 170 2.18 -23.02 -9.52
N GLY A 171 1.92 -21.78 -9.89
CA GLY A 171 1.86 -20.71 -8.91
C GLY A 171 0.64 -20.79 -8.02
N TYR A 172 -0.20 -21.78 -8.27
CA TYR A 172 -1.33 -22.07 -7.40
C TYR A 172 -1.06 -23.22 -6.45
N ASN A 173 -0.19 -24.16 -6.84
CA ASN A 173 0.25 -25.22 -5.95
C ASN A 173 1.23 -24.72 -4.89
N THR A 174 1.75 -23.51 -5.04
CA THR A 174 2.68 -22.92 -4.09
C THR A 174 1.98 -22.04 -3.06
N ILE A 175 1.02 -21.23 -3.49
CA ILE A 175 0.31 -20.31 -2.60
C ILE A 175 -0.88 -21.03 -1.96
N SER A 176 -0.96 -22.35 -2.17
CA SER A 176 -1.93 -23.22 -1.51
C SER A 176 -3.36 -22.92 -1.96
N ASP A 177 -3.55 -22.72 -3.26
CA ASP A 177 -4.88 -22.74 -3.87
C ASP A 177 -4.93 -23.99 -4.74
N TYR A 178 -5.31 -25.10 -4.12
CA TYR A 178 -5.13 -26.41 -4.73
C TYR A 178 -6.14 -26.65 -5.84
N LYS A 179 -7.40 -26.27 -5.63
CA LYS A 179 -8.41 -26.47 -6.67
C LYS A 179 -8.09 -25.64 -7.90
N SER A 180 -7.67 -24.38 -7.70
CA SER A 180 -7.29 -23.53 -8.83
C SER A 180 -6.14 -24.14 -9.60
N ALA A 181 -5.16 -24.73 -8.91
CA ALA A 181 -4.10 -25.46 -9.59
C ALA A 181 -4.64 -26.64 -10.37
N LEU A 182 -5.61 -27.35 -9.78
CA LEU A 182 -6.23 -28.49 -10.42
C LEU A 182 -7.00 -28.13 -11.69
N VAL A 183 -7.50 -26.89 -11.81
CA VAL A 183 -8.27 -26.53 -12.98
C VAL A 183 -7.41 -25.64 -13.89
N ALA A 184 -6.22 -25.29 -13.43
CA ALA A 184 -5.28 -24.54 -14.26
C ALA A 184 -4.20 -25.43 -14.87
N PHE A 185 -4.07 -26.68 -14.40
CA PHE A 185 -3.22 -27.65 -15.07
C PHE A 185 -3.98 -28.47 -16.11
N ASP A 186 -5.27 -28.72 -15.88
CA ASP A 186 -6.07 -29.46 -16.85
C ASP A 186 -6.25 -28.72 -18.16
N ASN A 187 -6.06 -27.39 -18.17
CA ASN A 187 -6.02 -26.62 -19.40
C ASN A 187 -4.60 -26.21 -19.75
N PHE A 188 -3.64 -27.07 -19.42
CA PHE A 188 -2.26 -26.92 -19.86
C PHE A 188 -1.82 -28.21 -20.52
N ILE A 189 -2.33 -29.33 -20.03
CA ILE A 189 -2.03 -30.65 -20.59
C ILE A 189 -2.82 -30.84 -21.88
N ALA A 190 -3.74 -29.91 -22.15
CA ALA A 190 -4.60 -30.04 -23.32
C ALA A 190 -4.40 -28.85 -24.26
N ASP A 191 -3.81 -27.76 -23.77
CA ASP A 191 -3.54 -26.61 -24.61
C ASP A 191 -2.19 -26.73 -25.32
N PHE A 192 -1.21 -27.32 -24.65
CA PHE A 192 0.10 -27.54 -25.25
C PHE A 192 0.33 -29.04 -25.33
N PRO A 193 -0.16 -29.71 -26.37
CA PRO A 193 -0.20 -31.18 -26.39
C PRO A 193 1.17 -31.85 -26.26
N GLY A 194 2.06 -31.55 -27.19
CA GLY A 194 3.39 -32.13 -27.15
C GLY A 194 4.39 -31.23 -26.45
N THR A 195 4.72 -31.55 -25.21
CA THR A 195 5.61 -30.72 -24.41
C THR A 195 6.44 -31.61 -23.50
N PRO A 196 7.68 -31.21 -23.22
CA PRO A 196 8.51 -31.96 -22.26
C PRO A 196 8.17 -31.68 -20.81
N LEU A 197 7.26 -30.75 -20.53
CA LEU A 197 6.85 -30.42 -19.18
C LEU A 197 5.56 -31.12 -18.77
N LYS A 198 5.05 -32.04 -19.60
CA LYS A 198 3.77 -32.69 -19.29
C LYS A 198 3.89 -33.57 -18.05
N GLU A 199 5.03 -34.24 -17.88
CA GLU A 199 5.23 -35.08 -16.71
C GLU A 199 5.18 -34.25 -15.42
N ASP A 200 5.84 -33.09 -15.44
CA ASP A 200 5.82 -32.20 -14.29
C ASP A 200 4.39 -31.73 -14.01
N ALA A 201 3.65 -31.39 -15.05
CA ALA A 201 2.28 -30.93 -14.89
C ALA A 201 1.42 -32.03 -14.27
N LEU A 202 1.56 -33.26 -14.75
CA LEU A 202 0.77 -34.36 -14.20
C LEU A 202 1.11 -34.59 -12.73
N PHE A 203 2.40 -34.58 -12.38
CA PHE A 203 2.76 -34.81 -10.99
C PHE A 203 2.27 -33.68 -10.09
N TYR A 204 2.38 -32.44 -10.56
CA TYR A 204 2.05 -31.31 -9.69
C TYR A 204 0.55 -31.03 -9.71
N LYS A 205 -0.19 -31.72 -10.56
CA LYS A 205 -1.63 -31.80 -10.42
C LYS A 205 -2.09 -32.91 -9.50
N TYR A 206 -1.43 -34.07 -9.56
CA TYR A 206 -1.67 -35.12 -8.57
C TYR A 206 -1.35 -34.66 -7.17
N ASP A 207 -0.29 -33.86 -7.00
CA ASP A 207 0.03 -33.32 -5.68
C ASP A 207 -1.08 -32.41 -5.16
N SER A 208 -1.60 -31.55 -6.03
CA SER A 208 -2.70 -30.69 -5.62
C SER A 208 -3.93 -31.51 -5.25
N ALA A 209 -4.24 -32.52 -6.06
CA ALA A 209 -5.38 -33.38 -5.76
C ALA A 209 -5.21 -34.07 -4.41
N TYR A 210 -4.02 -34.60 -4.12
CA TYR A 210 -3.79 -35.27 -2.85
C TYR A 210 -3.88 -34.29 -1.68
N GLN A 211 -3.24 -33.13 -1.80
CA GLN A 211 -3.21 -32.19 -0.70
C GLN A 211 -4.59 -31.61 -0.43
N LEU A 212 -5.45 -31.57 -1.45
CA LEU A 212 -6.82 -31.11 -1.26
C LEU A 212 -7.74 -32.27 -0.90
N ALA A 213 -7.25 -33.50 -0.99
CA ALA A 213 -8.04 -34.66 -0.62
C ALA A 213 -7.69 -35.25 0.74
N ILE A 214 -6.63 -34.79 1.40
CA ILE A 214 -6.35 -35.25 2.76
C ILE A 214 -6.77 -34.23 3.81
N ASN A 215 -6.56 -32.94 3.55
CA ASN A 215 -7.06 -31.88 4.43
C ASN A 215 -8.45 -31.44 3.97
N SER A 216 -9.40 -32.37 4.05
CA SER A 216 -10.74 -32.13 3.56
C SER A 216 -11.77 -32.46 4.65
N VAL A 217 -12.89 -31.76 4.57
CA VAL A 217 -14.01 -31.96 5.50
C VAL A 217 -14.51 -33.40 5.37
N PRO A 218 -14.92 -34.05 6.47
CA PRO A 218 -15.31 -35.47 6.38
C PRO A 218 -16.41 -35.75 5.38
N SER A 219 -17.28 -34.76 5.13
CA SER A 219 -18.36 -34.93 4.17
C SER A 219 -17.87 -34.93 2.73
N LYS A 220 -16.72 -34.30 2.46
CA LYS A 220 -16.22 -34.17 1.09
C LYS A 220 -14.84 -34.79 0.95
N MET A 221 -14.67 -36.00 1.49
CA MET A 221 -13.37 -36.68 1.42
C MET A 221 -13.32 -37.64 0.24
N GLU A 222 -14.32 -38.50 0.11
CA GLU A 222 -14.27 -39.60 -0.84
C GLU A 222 -14.17 -39.13 -2.28
N GLU A 223 -14.94 -38.09 -2.63
CA GLU A 223 -14.89 -37.58 -3.99
C GLU A 223 -13.51 -37.06 -4.35
N ARG A 224 -12.89 -36.31 -3.44
CA ARG A 224 -11.57 -35.77 -3.72
C ARG A 224 -10.48 -36.84 -3.64
N LEU A 225 -10.65 -37.85 -2.79
CA LEU A 225 -9.76 -39.00 -2.79
C LEU A 225 -9.84 -39.82 -4.07
N HIS A 226 -11.01 -39.85 -4.72
CA HIS A 226 -11.13 -40.47 -6.04
C HIS A 226 -10.56 -39.60 -7.15
N VAL A 227 -10.70 -38.29 -7.05
CA VAL A 227 -10.05 -37.38 -7.99
C VAL A 227 -8.54 -37.55 -7.93
N ALA A 228 -8.00 -37.68 -6.72
CA ALA A 228 -6.57 -37.93 -6.58
C ALA A 228 -6.20 -39.31 -7.13
N GLN A 229 -7.07 -40.30 -6.93
CA GLN A 229 -6.79 -41.64 -7.43
C GLN A 229 -6.72 -41.68 -8.94
N THR A 230 -7.56 -40.92 -9.63
CA THR A 230 -7.47 -40.87 -11.09
C THR A 230 -6.23 -40.12 -11.56
N ALA A 231 -5.79 -39.11 -10.82
CA ALA A 231 -4.55 -38.41 -11.15
C ALA A 231 -3.33 -39.32 -11.01
N TYR A 232 -3.27 -40.13 -9.95
CA TYR A 232 -2.19 -41.10 -9.84
C TYR A 232 -2.18 -42.09 -10.98
N ALA A 233 -3.34 -42.58 -11.40
CA ALA A 233 -3.40 -43.48 -12.54
C ALA A 233 -2.99 -42.80 -13.83
N ASN A 234 -3.26 -41.50 -13.97
CA ASN A 234 -2.82 -40.77 -15.14
C ASN A 234 -1.31 -40.61 -15.16
N LEU A 235 -0.70 -40.29 -14.02
CA LEU A 235 0.75 -40.09 -13.97
C LEU A 235 1.53 -41.34 -14.32
N MET A 236 1.15 -42.48 -13.74
CA MET A 236 1.90 -43.72 -13.91
C MET A 236 1.48 -44.48 -15.15
N LYS A 237 0.60 -43.92 -15.98
CA LYS A 237 0.26 -44.52 -17.26
C LYS A 237 1.11 -43.90 -18.34
N TYR A 238 1.23 -42.57 -18.33
CA TYR A 238 2.05 -41.84 -19.29
C TYR A 238 3.52 -42.25 -19.15
N LYS A 239 3.99 -42.38 -17.91
CA LYS A 239 5.36 -42.78 -17.65
C LYS A 239 5.38 -43.69 -16.45
N SER A 240 5.57 -44.99 -16.68
CA SER A 240 5.62 -45.94 -15.57
C SER A 240 6.80 -45.68 -14.65
N ASP A 241 7.97 -45.41 -15.23
CA ASP A 241 9.18 -45.11 -14.46
C ASP A 241 9.36 -43.60 -14.32
N THR A 242 8.36 -42.97 -13.71
CA THR A 242 8.37 -41.53 -13.53
C THR A 242 9.49 -41.10 -12.59
N LYS A 243 9.92 -39.84 -12.75
CA LYS A 243 11.00 -39.32 -11.93
C LYS A 243 10.61 -39.18 -10.45
N TYR A 244 9.32 -39.11 -10.15
CA TYR A 244 8.84 -38.98 -8.78
C TYR A 244 8.15 -40.24 -8.29
N LYS A 245 8.70 -41.41 -8.63
CA LYS A 245 8.01 -42.66 -8.30
C LYS A 245 7.84 -42.87 -6.81
N GLU A 246 8.87 -42.59 -6.01
CA GLU A 246 8.81 -42.83 -4.58
C GLU A 246 7.80 -41.94 -3.89
N LYS A 247 7.88 -40.64 -4.15
CA LYS A 247 6.96 -39.68 -3.55
C LYS A 247 5.53 -39.93 -3.99
N ALA A 248 5.31 -40.25 -5.27
CA ALA A 248 3.97 -40.56 -5.74
C ALA A 248 3.44 -41.84 -5.10
N ASP A 249 4.31 -42.84 -4.92
CA ASP A 249 3.85 -44.11 -4.35
C ASP A 249 3.46 -43.95 -2.88
N GLN A 250 4.25 -43.18 -2.12
CA GLN A 250 3.87 -42.91 -0.73
C GLN A 250 2.53 -42.20 -0.65
N MET A 251 2.32 -41.22 -1.52
CA MET A 251 1.07 -40.48 -1.57
C MET A 251 -0.11 -41.38 -1.94
N ASN A 252 0.08 -42.27 -2.91
CA ASN A 252 -0.96 -43.21 -3.28
C ASN A 252 -1.28 -44.16 -2.13
N ALA A 253 -0.25 -44.60 -1.40
CA ALA A 253 -0.47 -45.46 -0.24
C ALA A 253 -1.32 -44.74 0.80
N ARG A 254 -1.03 -43.46 1.06
CA ARG A 254 -1.85 -42.70 1.99
C ARG A 254 -3.28 -42.56 1.48
N VAL A 255 -3.45 -42.30 0.19
CA VAL A 255 -4.79 -42.18 -0.38
C VAL A 255 -5.58 -43.47 -0.17
N GLU A 256 -4.97 -44.61 -0.45
CA GLU A 256 -5.64 -45.89 -0.26
C GLU A 256 -5.94 -46.18 1.21
N THR A 257 -4.98 -45.91 2.11
CA THR A 257 -5.18 -46.20 3.52
C THR A 257 -6.17 -45.25 4.19
N ASP A 258 -6.49 -44.13 3.56
CA ASP A 258 -7.62 -43.31 4.01
C ASP A 258 -8.93 -43.65 3.33
N LEU A 259 -8.91 -44.09 2.07
CA LEU A 259 -10.16 -44.43 1.40
C LEU A 259 -10.71 -45.78 1.87
N GLN A 260 -9.84 -46.67 2.34
CA GLN A 260 -10.33 -47.98 2.79
C GLN A 260 -11.18 -47.86 4.04
N LYS A 261 -10.89 -46.90 4.92
CA LYS A 261 -11.66 -46.74 6.14
C LYS A 261 -13.10 -46.34 5.83
N PHE A 262 -13.29 -45.43 4.87
CA PHE A 262 -14.62 -44.96 4.53
C PHE A 262 -15.41 -45.99 3.72
N THR A 263 -14.75 -47.05 3.25
CA THR A 263 -15.45 -48.06 2.45
C THR A 263 -16.50 -48.77 3.29
N LYS A 264 -17.70 -48.92 2.72
CA LYS A 264 -18.80 -49.57 3.42
C LYS A 264 -19.00 -51.00 2.93
N ILE B 195 -34.89 37.82 -13.82
CA ILE B 195 -36.00 38.20 -14.67
C ILE B 195 -37.28 37.54 -14.18
N SER B 196 -38.26 38.36 -13.81
CA SER B 196 -39.51 37.85 -13.24
C SER B 196 -40.25 37.06 -14.31
N SER B 197 -40.21 35.74 -14.21
CA SER B 197 -40.63 34.86 -15.29
C SER B 197 -41.38 33.65 -14.76
N ILE B 198 -42.31 33.86 -13.82
CA ILE B 198 -42.96 32.72 -13.19
C ILE B 198 -44.13 32.28 -14.05
N ASP B 199 -45.17 33.12 -14.12
CA ASP B 199 -46.35 32.93 -14.97
C ASP B 199 -46.74 31.46 -15.13
N PHE B 200 -46.89 30.78 -13.99
CA PHE B 200 -47.28 29.37 -13.98
C PHE B 200 -48.80 29.28 -14.03
N THR B 201 -49.34 28.89 -15.18
CA THR B 201 -50.79 28.73 -15.34
C THR B 201 -51.12 27.25 -15.19
N GLY B 202 -51.62 26.89 -14.01
CA GLY B 202 -52.02 25.54 -13.66
C GLY B 202 -50.98 24.84 -12.82
N ASN B 203 -51.14 24.94 -11.51
CA ASN B 203 -50.25 24.32 -10.52
C ASN B 203 -51.09 23.77 -9.37
N LYS B 204 -52.19 23.09 -9.72
CA LYS B 204 -53.22 22.76 -8.73
C LYS B 204 -52.65 22.05 -7.51
N GLN B 205 -51.65 21.19 -7.71
CA GLN B 205 -51.06 20.44 -6.61
C GLN B 205 -49.62 20.82 -6.33
N LEU B 206 -48.74 20.75 -7.32
CA LEU B 206 -47.34 21.06 -7.11
C LEU B 206 -47.20 22.53 -6.74
N SER B 207 -46.79 22.79 -5.50
CA SER B 207 -46.72 24.15 -5.00
C SER B 207 -45.66 24.95 -5.76
N ASP B 208 -45.89 26.26 -5.83
CA ASP B 208 -45.05 27.12 -6.66
C ASP B 208 -43.61 27.12 -6.16
N SER B 209 -43.42 27.09 -4.84
CA SER B 209 -42.07 27.22 -4.27
C SER B 209 -41.13 26.12 -4.75
N LYS B 210 -41.43 24.87 -4.38
CA LYS B 210 -40.56 23.78 -4.79
C LYS B 210 -40.62 23.55 -6.29
N LEU B 211 -41.71 23.96 -6.94
CA LEU B 211 -41.78 23.90 -8.39
C LEU B 211 -40.70 24.77 -9.00
N ARG B 212 -40.58 26.01 -8.54
CA ARG B 212 -39.51 26.90 -8.98
C ARG B 212 -38.15 26.33 -8.60
N ALA B 213 -38.04 25.81 -7.38
CA ALA B 213 -36.76 25.26 -6.94
C ALA B 213 -36.33 24.07 -7.77
N ALA B 214 -37.27 23.44 -8.47
CA ALA B 214 -36.94 22.27 -9.29
C ALA B 214 -35.91 22.61 -10.36
N MET B 215 -36.13 23.69 -11.10
CA MET B 215 -35.14 24.11 -12.08
C MET B 215 -33.93 24.71 -11.37
N LYS B 216 -32.73 24.38 -11.86
CA LYS B 216 -31.49 24.79 -11.20
C LYS B 216 -30.93 26.07 -11.80
N ASP B 217 -30.92 26.19 -13.13
CA ASP B 217 -30.15 27.25 -13.77
C ASP B 217 -30.99 28.51 -14.01
N THR B 218 -32.05 28.38 -14.80
CA THR B 218 -32.85 29.54 -15.19
C THR B 218 -33.75 29.94 -14.03
N LYS B 219 -33.27 30.86 -13.20
CA LYS B 219 -34.02 31.39 -12.08
C LYS B 219 -34.57 32.77 -12.43
N GLN B 220 -35.16 33.43 -11.45
CA GLN B 220 -35.83 34.71 -11.64
C GLN B 220 -35.06 35.82 -10.94
N LYS B 221 -35.65 37.02 -10.98
CA LYS B 221 -35.07 38.19 -10.33
C LYS B 221 -35.39 38.17 -8.84
N ASN B 222 -34.34 38.22 -8.01
CA ASN B 222 -34.48 38.16 -6.57
C ASN B 222 -33.29 38.88 -5.95
N VAL B 223 -33.21 38.85 -4.62
CA VAL B 223 -32.21 39.61 -3.89
C VAL B 223 -30.98 38.76 -3.56
N LEU B 224 -30.79 37.66 -4.29
CA LEU B 224 -29.67 36.75 -4.03
C LEU B 224 -28.38 37.33 -4.61
N ARG B 225 -27.34 36.50 -4.67
CA ARG B 225 -26.04 36.92 -5.17
C ARG B 225 -26.13 37.23 -6.67
N VAL B 226 -26.18 38.53 -6.97
CA VAL B 226 -26.56 39.14 -8.25
C VAL B 226 -27.71 38.33 -8.84
N PHE B 227 -28.77 38.15 -8.06
CA PHE B 227 -29.98 37.40 -8.40
C PHE B 227 -29.67 36.09 -9.14
N LYS B 228 -28.69 35.35 -8.64
CA LYS B 228 -28.35 34.02 -9.14
C LYS B 228 -28.01 34.03 -10.63
N ALA B 229 -27.50 35.17 -11.11
CA ALA B 229 -27.14 35.34 -12.52
C ALA B 229 -28.31 35.00 -13.44
N SER B 230 -29.49 35.49 -13.10
CA SER B 230 -30.69 35.15 -13.85
C SER B 230 -30.64 35.79 -15.23
N LYS B 231 -30.49 34.97 -16.26
CA LYS B 231 -30.59 35.42 -17.64
C LYS B 231 -30.99 34.23 -18.50
N PHE B 232 -30.98 34.43 -19.81
CA PHE B 232 -31.49 33.45 -20.76
C PHE B 232 -30.35 32.61 -21.31
N ILE B 233 -30.47 31.30 -21.15
CA ILE B 233 -29.56 30.33 -21.79
C ILE B 233 -30.43 29.25 -22.39
N PRO B 234 -30.33 28.99 -23.70
CA PRO B 234 -31.27 28.06 -24.34
C PRO B 234 -31.19 26.63 -23.82
N GLU B 235 -29.99 26.04 -23.87
CA GLU B 235 -29.85 24.65 -23.46
C GLU B 235 -30.13 24.50 -21.97
N LYS B 236 -29.69 25.47 -21.16
CA LYS B 236 -29.99 25.42 -19.74
C LYS B 236 -31.48 25.52 -19.48
N TYR B 237 -32.17 26.38 -20.23
CA TYR B 237 -33.62 26.51 -20.06
C TYR B 237 -34.33 25.22 -20.42
N LYS B 238 -33.91 24.56 -21.51
CA LYS B 238 -34.61 23.35 -21.91
C LYS B 238 -34.35 22.21 -20.92
N THR B 239 -33.11 22.08 -20.43
CA THR B 239 -32.85 21.03 -19.46
C THR B 239 -33.54 21.35 -18.14
N ASP B 240 -33.70 22.64 -17.80
CA ASP B 240 -34.48 23.00 -16.63
C ASP B 240 -35.93 22.58 -16.78
N LEU B 241 -36.52 22.80 -17.95
CA LEU B 241 -37.89 22.38 -18.17
C LEU B 241 -38.03 20.86 -18.05
N GLU B 242 -37.08 20.13 -18.62
CA GLU B 242 -37.08 18.68 -18.44
C GLU B 242 -36.99 18.30 -16.97
N LYS B 243 -36.24 19.07 -16.18
CA LYS B 243 -36.20 18.81 -14.75
C LYS B 243 -37.51 19.13 -14.06
N VAL B 244 -38.25 20.14 -14.54
CA VAL B 244 -39.60 20.39 -14.04
C VAL B 244 -40.47 19.16 -14.24
N ILE B 245 -40.47 18.63 -15.47
CA ILE B 245 -41.27 17.44 -15.74
C ILE B 245 -40.79 16.27 -14.89
N ALA B 246 -39.49 16.17 -14.69
CA ALA B 246 -38.93 15.09 -13.89
C ALA B 246 -39.39 15.17 -12.44
N SER B 247 -39.42 16.39 -11.88
CA SER B 247 -39.92 16.55 -10.52
C SER B 247 -41.40 16.21 -10.44
N TYR B 248 -42.18 16.62 -11.44
CA TYR B 248 -43.60 16.27 -11.45
C TYR B 248 -43.79 14.77 -11.45
N LYS B 249 -42.99 14.05 -12.26
CA LYS B 249 -43.08 12.59 -12.26
C LYS B 249 -42.60 12.01 -10.93
N GLU B 250 -41.59 12.62 -10.33
CA GLU B 250 -41.09 12.13 -9.05
C GLU B 250 -42.17 12.22 -7.97
N LYS B 251 -42.97 13.28 -7.99
CA LYS B 251 -44.10 13.34 -7.08
C LYS B 251 -45.14 12.26 -7.39
N GLY B 252 -45.14 11.75 -8.62
CA GLY B 252 -46.02 10.64 -8.95
C GLY B 252 -47.04 10.92 -10.04
N TYR B 253 -46.70 11.79 -10.98
CA TYR B 253 -47.58 12.15 -12.08
C TYR B 253 -46.88 11.89 -13.40
N ARG B 254 -47.21 10.77 -14.04
CA ARG B 254 -46.65 10.47 -15.35
C ARG B 254 -47.34 11.28 -16.44
N ASP B 255 -48.64 11.54 -16.29
CA ASP B 255 -49.36 12.32 -17.29
C ASP B 255 -48.97 13.79 -17.29
N ALA B 256 -48.03 14.19 -16.46
CA ALA B 256 -47.62 15.59 -16.41
C ALA B 256 -47.01 16.01 -17.74
N ARG B 257 -47.28 17.26 -18.12
CA ARG B 257 -46.80 17.78 -19.39
C ARG B 257 -46.75 19.30 -19.33
N ILE B 258 -45.97 19.87 -20.23
CA ILE B 258 -45.92 21.31 -20.45
C ILE B 258 -46.54 21.59 -21.81
N ILE B 259 -47.38 22.63 -21.88
CA ILE B 259 -48.18 22.90 -23.07
C ILE B 259 -47.80 24.24 -23.70
N TYR B 260 -47.82 25.33 -22.92
CA TYR B 260 -47.46 26.64 -23.43
C TYR B 260 -46.33 27.22 -22.60
N ASP B 261 -45.11 27.16 -23.12
CA ASP B 261 -43.98 27.88 -22.57
C ASP B 261 -43.66 29.04 -23.51
N SER B 262 -43.53 30.23 -22.95
CA SER B 262 -43.41 31.44 -23.75
C SER B 262 -42.54 32.45 -23.02
N VAL B 263 -41.93 33.34 -23.79
CA VAL B 263 -41.09 34.40 -23.27
C VAL B 263 -41.59 35.72 -23.85
N ILE B 264 -41.81 36.70 -22.98
CA ILE B 264 -42.12 38.06 -23.39
C ILE B 264 -41.04 38.97 -22.81
N TYR B 265 -40.36 39.70 -23.68
CA TYR B 265 -39.31 40.63 -23.27
C TYR B 265 -39.93 42.00 -23.08
N ASN B 266 -39.67 42.61 -21.92
CA ASN B 266 -40.27 43.88 -21.55
C ASN B 266 -39.51 44.97 -22.27
N LYS B 267 -40.13 45.56 -23.29
CA LYS B 267 -39.49 46.61 -24.08
C LYS B 267 -39.20 47.85 -23.24
N LYS B 268 -39.93 48.05 -22.15
CA LYS B 268 -39.78 49.25 -21.33
C LYS B 268 -38.88 49.05 -20.12
N LYS B 269 -38.96 47.90 -19.44
CA LYS B 269 -38.19 47.69 -18.22
C LYS B 269 -37.14 46.59 -18.34
N ASN B 270 -37.08 45.89 -19.48
CA ASN B 270 -35.99 44.96 -19.80
C ASN B 270 -35.89 43.80 -18.81
N MET B 271 -36.95 42.99 -18.76
CA MET B 271 -36.88 41.64 -18.20
C MET B 271 -37.67 40.71 -19.09
N LEU B 272 -37.46 39.41 -18.89
CA LEU B 272 -38.16 38.38 -19.64
C LEU B 272 -39.13 37.66 -18.72
N ALA B 273 -40.40 37.60 -19.10
CA ALA B 273 -41.42 36.88 -18.37
C ALA B 273 -41.73 35.58 -19.11
N ILE B 274 -41.69 34.47 -18.40
CA ILE B 274 -41.86 33.14 -18.98
C ILE B 274 -43.19 32.58 -18.50
N LYS B 275 -44.09 32.34 -19.45
CA LYS B 275 -45.36 31.70 -19.17
C LYS B 275 -45.20 30.19 -19.32
N ILE B 276 -45.52 29.46 -18.26
CA ILE B 276 -45.42 28.00 -18.23
C ILE B 276 -46.80 27.45 -17.94
N ASP B 277 -47.28 26.57 -18.82
CA ASP B 277 -48.59 25.93 -18.68
C ASP B 277 -48.37 24.45 -18.43
N VAL B 278 -48.96 23.94 -17.35
CA VAL B 278 -48.72 22.57 -16.90
C VAL B 278 -50.05 21.86 -16.71
N GLU B 279 -50.18 20.68 -17.31
CA GLU B 279 -51.30 19.78 -17.06
C GLU B 279 -50.82 18.68 -16.12
N GLU B 280 -51.49 18.53 -14.97
CA GLU B 280 -50.96 17.67 -13.92
C GLU B 280 -51.30 16.20 -14.18
N GLY B 281 -52.58 15.86 -14.21
CA GLY B 281 -52.99 14.49 -14.43
C GLY B 281 -53.64 13.83 -13.24
N ASN B 282 -53.35 12.55 -13.02
CA ASN B 282 -53.96 11.78 -11.95
C ASN B 282 -52.90 11.01 -11.18
N LYS B 283 -53.13 10.83 -9.89
CA LYS B 283 -52.20 10.09 -9.05
C LYS B 283 -52.15 8.63 -9.47
N TYR B 284 -51.02 7.99 -9.19
CA TYR B 284 -50.79 6.63 -9.66
C TYR B 284 -50.14 5.81 -8.56
N TYR B 285 -50.55 4.55 -8.46
CA TYR B 285 -50.08 3.63 -7.43
C TYR B 285 -49.47 2.39 -8.06
N PHE B 286 -48.37 1.93 -7.47
CA PHE B 286 -47.79 0.65 -7.84
C PHE B 286 -48.70 -0.49 -7.39
N GLY B 287 -48.79 -1.53 -8.22
CA GLY B 287 -49.66 -2.64 -7.87
C GLY B 287 -49.30 -3.98 -8.50
N ASN B 288 -49.21 -5.02 -7.67
CA ASN B 288 -49.01 -6.40 -8.11
C ASN B 288 -47.74 -6.54 -8.95
N ILE B 289 -46.61 -6.29 -8.29
CA ILE B 289 -45.29 -6.43 -8.92
C ILE B 289 -44.95 -7.92 -8.84
N LYS B 290 -45.35 -8.66 -9.87
CA LYS B 290 -45.14 -10.10 -9.90
C LYS B 290 -43.86 -10.44 -10.65
N PHE B 291 -43.21 -11.51 -10.20
CA PHE B 291 -41.95 -11.98 -10.77
C PHE B 291 -42.20 -13.29 -11.51
N LEU B 292 -41.77 -13.34 -12.76
CA LEU B 292 -41.95 -14.52 -13.61
C LEU B 292 -40.59 -14.93 -14.14
N GLY B 293 -40.22 -16.19 -13.92
CA GLY B 293 -38.97 -16.72 -14.44
C GLY B 293 -37.84 -16.72 -13.42
N ASN B 294 -38.17 -16.99 -12.16
CA ASN B 294 -37.17 -17.09 -11.11
C ASN B 294 -37.22 -18.47 -10.47
N THR B 295 -36.07 -19.12 -10.36
CA THR B 295 -35.99 -20.41 -9.69
C THR B 295 -34.93 -20.39 -8.61
N VAL B 296 -33.95 -19.50 -8.73
CA VAL B 296 -32.82 -19.49 -7.80
C VAL B 296 -33.17 -18.62 -6.60
N TYR B 297 -34.04 -17.63 -6.79
CA TYR B 297 -34.53 -16.81 -5.68
C TYR B 297 -36.05 -16.91 -5.64
N SER B 298 -36.58 -17.07 -4.44
CA SER B 298 -38.02 -17.12 -4.24
C SER B 298 -38.65 -15.75 -4.44
N ASP B 299 -39.97 -15.74 -4.63
CA ASP B 299 -40.68 -14.49 -4.85
C ASP B 299 -40.56 -13.56 -3.65
N GLN B 300 -40.59 -14.12 -2.43
CA GLN B 300 -40.54 -13.31 -1.23
C GLN B 300 -39.23 -12.56 -1.12
N GLN B 301 -38.11 -13.22 -1.43
CA GLN B 301 -36.80 -12.58 -1.35
C GLN B 301 -36.68 -11.46 -2.36
N LEU B 302 -37.15 -11.69 -3.59
CA LEU B 302 -37.09 -10.66 -4.62
C LEU B 302 -37.98 -9.46 -4.25
N ASN B 303 -39.16 -9.73 -3.69
CA ASN B 303 -40.03 -8.64 -3.26
C ASN B 303 -39.38 -7.84 -2.14
N ARG B 304 -38.71 -8.51 -1.20
CA ARG B 304 -37.98 -7.81 -0.16
C ARG B 304 -36.88 -6.94 -0.75
N TYR B 305 -36.16 -7.48 -1.73
CA TYR B 305 -35.02 -6.78 -2.30
C TYR B 305 -35.47 -5.55 -3.10
N LEU B 306 -36.59 -5.65 -3.80
CA LEU B 306 -37.03 -4.55 -4.66
C LEU B 306 -37.42 -3.32 -3.84
N GLY B 307 -37.97 -3.54 -2.65
CA GLY B 307 -38.36 -2.44 -1.79
C GLY B 307 -39.52 -1.61 -2.29
N ILE B 308 -40.50 -2.24 -2.93
CA ILE B 308 -41.73 -1.59 -3.38
C ILE B 308 -42.90 -2.40 -2.83
N LYS B 309 -43.84 -1.72 -2.19
CA LYS B 309 -45.06 -2.34 -1.67
C LYS B 309 -46.27 -1.79 -2.40
N LYS B 310 -47.43 -2.35 -2.06
CA LYS B 310 -48.68 -1.91 -2.67
C LYS B 310 -49.02 -0.50 -2.21
N GLY B 311 -49.54 0.31 -3.13
CA GLY B 311 -50.04 1.63 -2.82
C GLY B 311 -49.03 2.75 -2.84
N GLU B 312 -47.75 2.45 -3.05
CA GLU B 312 -46.74 3.49 -3.13
C GLU B 312 -46.90 4.24 -4.46
N THR B 313 -46.69 5.55 -4.40
CA THR B 313 -46.85 6.40 -5.58
C THR B 313 -45.88 6.01 -6.69
N TYR B 314 -46.34 6.13 -7.93
CA TYR B 314 -45.53 5.75 -9.09
C TYR B 314 -44.28 6.63 -9.16
N ASN B 315 -43.15 5.99 -9.43
CA ASN B 315 -41.90 6.68 -9.74
C ASN B 315 -41.08 5.76 -10.64
N GLY B 316 -41.14 6.01 -11.95
CA GLY B 316 -40.47 5.12 -12.89
C GLY B 316 -38.97 5.08 -12.69
N VAL B 317 -38.38 6.22 -12.32
CA VAL B 317 -36.94 6.26 -12.06
C VAL B 317 -36.59 5.35 -10.91
N LEU B 318 -37.46 5.27 -9.90
CA LEU B 318 -37.21 4.37 -8.77
C LEU B 318 -37.18 2.92 -9.22
N LEU B 319 -38.15 2.51 -10.05
CA LEU B 319 -38.17 1.14 -10.53
C LEU B 319 -36.94 0.84 -11.38
N GLU B 320 -36.57 1.76 -12.26
CA GLU B 320 -35.39 1.54 -13.09
C GLU B 320 -34.12 1.45 -12.26
N LYS B 321 -34.03 2.27 -11.21
CA LYS B 321 -32.85 2.24 -10.34
C LYS B 321 -32.79 0.94 -9.54
N ARG B 322 -33.93 0.49 -9.02
CA ARG B 322 -33.95 -0.76 -8.26
C ARG B 322 -33.72 -1.97 -9.15
N ILE B 323 -34.08 -1.87 -10.43
CA ILE B 323 -33.86 -2.98 -11.35
C ILE B 323 -32.40 -3.02 -11.80
N ALA B 324 -31.92 -1.94 -12.41
CA ALA B 324 -30.54 -1.83 -12.87
C ALA B 324 -29.96 -0.52 -12.39
N ASP B 325 -28.93 -0.59 -11.56
CA ASP B 325 -28.34 0.60 -10.95
C ASP B 325 -27.20 1.10 -11.82
N ASN B 326 -27.49 2.09 -12.66
CA ASN B 326 -26.49 2.62 -13.58
C ASN B 326 -25.48 3.48 -12.83
N THR B 327 -25.95 4.33 -11.92
CA THR B 327 -25.08 5.32 -11.30
C THR B 327 -23.97 4.67 -10.48
N LYS B 328 -24.29 3.64 -9.72
CA LYS B 328 -23.30 2.99 -8.88
C LYS B 328 -23.16 1.52 -9.25
N PRO B 329 -21.93 1.00 -9.31
CA PRO B 329 -21.75 -0.41 -9.69
C PRO B 329 -21.83 -1.35 -8.49
N ASP B 330 -21.70 -0.81 -7.29
CA ASP B 330 -21.71 -1.61 -6.07
C ASP B 330 -23.06 -1.59 -5.36
N GLY B 331 -24.09 -1.07 -5.99
CA GLY B 331 -25.37 -0.95 -5.34
C GLY B 331 -26.06 -2.29 -5.14
N GLU B 332 -27.15 -2.26 -4.38
CA GLU B 332 -27.95 -3.45 -4.10
C GLU B 332 -29.16 -3.45 -5.03
N ASP B 333 -28.91 -3.81 -6.29
CA ASP B 333 -29.96 -3.93 -7.28
C ASP B 333 -30.13 -5.40 -7.65
N ILE B 334 -31.25 -5.71 -8.31
CA ILE B 334 -31.57 -7.10 -8.62
C ILE B 334 -30.64 -7.64 -9.70
N THR B 335 -30.24 -6.79 -10.65
CA THR B 335 -29.24 -7.21 -11.62
C THR B 335 -27.92 -7.56 -10.93
N ASN B 336 -27.54 -6.77 -9.92
CA ASN B 336 -26.29 -7.04 -9.22
C ASN B 336 -26.37 -8.33 -8.41
N LEU B 337 -27.51 -8.59 -7.77
CA LEU B 337 -27.65 -9.85 -7.03
C LEU B 337 -27.64 -11.05 -7.96
N TYR B 338 -28.17 -10.90 -9.18
CA TYR B 338 -28.10 -12.02 -10.11
C TYR B 338 -26.68 -12.22 -10.65
N GLN B 339 -25.98 -11.14 -10.99
CA GLN B 339 -24.64 -11.24 -11.54
C GLN B 339 -23.56 -11.23 -10.47
N ASN B 340 -23.92 -11.45 -9.21
CA ASN B 340 -22.93 -11.60 -8.14
C ASN B 340 -22.84 -13.03 -7.65
N ASN B 341 -23.63 -13.94 -8.22
CA ASN B 341 -23.55 -15.35 -7.87
C ASN B 341 -23.23 -16.18 -9.10
N GLY B 342 -22.86 -15.53 -10.19
CA GLY B 342 -22.41 -16.24 -11.37
C GLY B 342 -23.49 -16.51 -12.40
N TYR B 343 -24.43 -15.60 -12.55
CA TYR B 343 -25.47 -15.75 -13.57
C TYR B 343 -25.31 -14.74 -14.70
N LEU B 344 -24.06 -14.51 -15.13
CA LEU B 344 -23.69 -13.51 -16.13
C LEU B 344 -24.69 -13.36 -17.27
N PHE B 345 -25.17 -14.49 -17.81
CA PHE B 345 -26.07 -14.42 -18.95
C PHE B 345 -27.51 -14.27 -18.48
N SER B 346 -27.76 -13.25 -17.66
CA SER B 346 -29.09 -12.97 -17.14
C SER B 346 -29.62 -11.67 -17.72
N LYS B 347 -30.91 -11.67 -18.05
CA LYS B 347 -31.58 -10.48 -18.56
C LYS B 347 -32.89 -10.32 -17.82
N ILE B 348 -33.06 -9.18 -17.15
CA ILE B 348 -34.30 -8.85 -16.46
C ILE B 348 -34.84 -7.56 -17.03
N ASN B 349 -36.09 -7.59 -17.51
CA ASN B 349 -36.73 -6.45 -18.13
C ASN B 349 -38.05 -6.18 -17.42
N ALA B 350 -38.39 -4.90 -17.27
CA ALA B 350 -39.65 -4.51 -16.66
C ALA B 350 -40.67 -4.20 -17.74
N VAL B 351 -41.87 -4.76 -17.59
CA VAL B 351 -42.95 -4.56 -18.55
C VAL B 351 -44.23 -4.23 -17.80
N GLU B 352 -45.15 -3.56 -18.51
CA GLU B 352 -46.46 -3.19 -17.98
C GLU B 352 -47.51 -4.04 -18.67
N VAL B 353 -48.40 -4.65 -17.89
CA VAL B 353 -49.43 -5.53 -18.41
C VAL B 353 -50.82 -4.92 -18.28
N LYS B 354 -51.12 -4.29 -17.15
CA LYS B 354 -52.45 -3.74 -16.91
C LYS B 354 -52.34 -2.33 -16.34
N THR B 355 -53.29 -1.48 -16.71
CA THR B 355 -53.35 -0.10 -16.24
C THR B 355 -54.82 0.20 -15.97
N VAL B 356 -55.22 0.19 -14.70
CA VAL B 356 -56.64 0.33 -14.40
C VAL B 356 -56.80 1.04 -13.07
N ASN B 357 -57.84 1.87 -12.97
CA ASN B 357 -58.16 2.63 -11.77
C ASN B 357 -56.96 3.44 -11.28
N ASP B 358 -56.18 3.98 -12.22
CA ASP B 358 -54.98 4.76 -11.91
C ASP B 358 -53.98 3.95 -11.08
N THR B 359 -53.90 2.65 -11.36
CA THR B 359 -52.89 1.79 -10.74
C THR B 359 -52.26 0.94 -11.83
N ILE B 360 -50.95 0.65 -11.65
CA ILE B 360 -50.11 -0.04 -12.59
C ILE B 360 -50.02 -1.51 -12.19
N ASP B 361 -49.87 -2.40 -13.18
CA ASP B 361 -49.61 -3.81 -12.94
C ASP B 361 -48.28 -4.16 -13.58
N PHE B 362 -47.26 -4.39 -12.76
CA PHE B 362 -45.90 -4.60 -13.22
C PHE B 362 -45.54 -6.08 -13.20
N GLU B 363 -44.81 -6.51 -14.23
CA GLU B 363 -44.29 -7.87 -14.31
C GLU B 363 -42.81 -7.80 -14.66
N ILE B 364 -42.00 -8.61 -13.99
CA ILE B 364 -40.57 -8.66 -14.24
C ILE B 364 -40.26 -9.98 -14.93
N ARG B 365 -39.84 -9.90 -16.19
CA ARG B 365 -39.45 -11.07 -16.96
C ARG B 365 -37.98 -11.36 -16.68
N ILE B 366 -37.70 -12.50 -16.06
CA ILE B 366 -36.36 -12.88 -15.64
C ILE B 366 -35.93 -14.09 -16.46
N THR B 367 -34.85 -13.94 -17.21
CA THR B 367 -34.23 -15.05 -17.93
C THR B 367 -32.88 -15.32 -17.28
N GLU B 368 -32.72 -16.52 -16.74
CA GLU B 368 -31.56 -16.86 -15.92
C GLU B 368 -30.36 -17.29 -16.76
N GLY B 369 -30.49 -18.35 -17.54
CA GLY B 369 -29.40 -18.86 -18.34
C GLY B 369 -28.44 -19.71 -17.54
N PRO B 370 -27.46 -20.30 -18.21
CA PRO B 370 -26.51 -21.17 -17.51
C PRO B 370 -25.60 -20.39 -16.56
N ILE B 371 -25.10 -21.09 -15.56
CA ILE B 371 -24.18 -20.49 -14.59
C ILE B 371 -22.83 -20.24 -15.26
N ALA B 372 -22.04 -19.37 -14.64
CA ALA B 372 -20.78 -18.91 -15.19
C ALA B 372 -19.63 -19.36 -14.29
N TYR B 373 -18.56 -19.87 -14.91
CA TYR B 373 -17.39 -20.34 -14.19
C TYR B 373 -16.13 -19.79 -14.84
N PHE B 374 -15.20 -19.33 -14.02
CA PHE B 374 -13.90 -18.89 -14.50
C PHE B 374 -13.12 -20.11 -14.96
N ASN B 375 -12.47 -20.02 -16.12
CA ASN B 375 -11.78 -21.17 -16.67
C ASN B 375 -10.35 -20.80 -17.08
N LYS B 376 -10.14 -19.54 -17.43
CA LYS B 376 -8.80 -19.10 -17.83
C LYS B 376 -8.59 -17.63 -17.51
N ILE B 377 -7.93 -17.35 -16.39
CA ILE B 377 -7.64 -15.97 -16.02
C ILE B 377 -6.15 -15.71 -16.18
N TYR B 378 -5.81 -14.68 -16.95
CA TYR B 378 -4.42 -14.32 -17.19
C TYR B 378 -4.26 -12.81 -17.29
N VAL B 379 -3.02 -12.38 -17.12
CA VAL B 379 -2.67 -10.96 -17.10
C VAL B 379 -1.77 -10.67 -18.30
N THR B 380 -1.93 -9.48 -18.87
CA THR B 380 -1.19 -9.07 -20.06
C THR B 380 -0.83 -7.61 -19.96
N GLY B 381 0.44 -7.30 -20.15
CA GLY B 381 0.92 -5.93 -20.09
C GLY B 381 2.01 -5.68 -19.07
N ASN B 382 2.50 -6.69 -18.36
CA ASN B 382 3.55 -6.52 -17.37
C ASN B 382 4.90 -6.58 -18.08
N ASP B 383 5.54 -5.43 -18.25
CA ASP B 383 6.81 -5.35 -18.93
C ASP B 383 8.01 -5.32 -18.00
N LYS B 384 7.80 -5.04 -16.72
CA LYS B 384 8.88 -5.05 -15.74
C LYS B 384 8.54 -5.75 -14.44
N THR B 385 7.28 -6.07 -14.18
CA THR B 385 6.87 -6.79 -12.98
C THR B 385 6.61 -8.24 -13.33
N ASN B 386 7.12 -9.15 -12.49
CA ASN B 386 7.03 -10.56 -12.79
C ASN B 386 5.59 -11.05 -12.67
N ASP B 387 5.35 -12.22 -13.26
CA ASP B 387 3.99 -12.74 -13.35
C ASP B 387 3.52 -13.32 -12.02
N HIS B 388 4.43 -13.82 -11.18
CA HIS B 388 3.98 -14.43 -9.94
C HIS B 388 3.58 -13.39 -8.90
N VAL B 389 4.10 -12.18 -9.00
CA VAL B 389 3.69 -11.11 -8.09
C VAL B 389 2.23 -10.76 -8.30
N ILE B 390 1.81 -10.66 -9.56
CA ILE B 390 0.43 -10.29 -9.87
C ILE B 390 -0.58 -11.39 -9.54
N TYR B 391 -0.27 -12.65 -9.88
CA TYR B 391 -1.23 -13.74 -9.82
C TYR B 391 -1.64 -14.09 -8.39
N ARG B 392 -0.76 -13.86 -7.42
CA ARG B 392 -1.02 -14.25 -6.04
C ARG B 392 -1.81 -13.21 -5.27
N GLU B 393 -2.18 -12.10 -5.90
CA GLU B 393 -3.00 -11.08 -5.25
C GLU B 393 -4.26 -10.84 -6.06
N LEU B 394 -4.83 -11.92 -6.59
CA LEU B 394 -6.05 -11.84 -7.40
C LEU B 394 -7.14 -12.65 -6.72
N ARG B 395 -8.32 -12.04 -6.60
CA ARG B 395 -9.47 -12.70 -5.99
C ARG B 395 -10.34 -13.42 -7.01
N THR B 396 -9.95 -13.42 -8.27
CA THR B 396 -10.62 -14.22 -9.29
C THR B 396 -9.74 -15.45 -9.57
N LYS B 397 -10.28 -16.63 -9.28
CA LYS B 397 -9.49 -17.85 -9.39
C LYS B 397 -10.24 -18.88 -10.23
N PRO B 398 -9.52 -19.67 -11.02
CA PRO B 398 -10.20 -20.68 -11.85
C PRO B 398 -10.94 -21.69 -10.98
N GLY B 399 -12.11 -22.12 -11.46
CA GLY B 399 -12.95 -23.05 -10.75
C GLY B 399 -14.00 -22.39 -9.88
N ASN B 400 -13.84 -21.12 -9.54
CA ASN B 400 -14.87 -20.38 -8.83
C ASN B 400 -16.00 -20.00 -9.78
N LYS B 401 -17.09 -19.50 -9.21
CA LYS B 401 -18.19 -18.96 -9.97
C LYS B 401 -18.01 -17.46 -10.15
N TYR B 402 -18.56 -16.95 -11.25
CA TYR B 402 -18.42 -15.52 -11.57
C TYR B 402 -18.98 -14.65 -10.45
N SER B 403 -18.26 -13.58 -10.14
CA SER B 403 -18.73 -12.60 -9.16
C SER B 403 -18.16 -11.25 -9.58
N LYS B 404 -19.05 -10.33 -9.99
CA LYS B 404 -18.61 -9.00 -10.37
C LYS B 404 -18.02 -8.26 -9.18
N GLU B 405 -18.56 -8.46 -7.99
CA GLU B 405 -17.99 -7.88 -6.78
C GLU B 405 -16.58 -8.36 -6.51
N GLU B 406 -16.25 -9.59 -6.90
CA GLU B 406 -14.87 -10.07 -6.80
C GLU B 406 -13.98 -9.38 -7.82
N LEU B 407 -14.50 -9.15 -9.02
CA LEU B 407 -13.76 -8.42 -10.05
C LEU B 407 -13.44 -6.99 -9.63
N VAL B 408 -14.39 -6.28 -9.03
CA VAL B 408 -14.15 -4.90 -8.58
C VAL B 408 -13.08 -4.93 -7.49
N ARG B 409 -13.19 -5.90 -6.58
CA ARG B 409 -12.23 -5.99 -5.49
C ARG B 409 -10.82 -6.27 -6.00
N THR B 410 -10.68 -7.17 -6.98
CA THR B 410 -9.33 -7.48 -7.46
C THR B 410 -8.78 -6.34 -8.30
N ILE B 411 -9.65 -5.60 -9.01
CA ILE B 411 -9.19 -4.40 -9.70
C ILE B 411 -8.64 -3.40 -8.69
N ARG B 412 -9.36 -3.19 -7.59
CA ARG B 412 -8.90 -2.26 -6.57
C ARG B 412 -7.61 -2.74 -5.92
N GLU B 413 -7.49 -4.04 -5.68
CA GLU B 413 -6.27 -4.58 -5.08
C GLU B 413 -5.07 -4.39 -6.00
N ILE B 414 -5.24 -4.68 -7.29
CA ILE B 414 -4.15 -4.48 -8.26
C ILE B 414 -3.76 -3.01 -8.30
N GLY B 415 -4.75 -2.11 -8.34
CA GLY B 415 -4.44 -0.69 -8.34
C GLY B 415 -3.71 -0.24 -7.09
N GLN B 416 -4.10 -0.79 -5.94
CA GLN B 416 -3.51 -0.39 -4.67
C GLN B 416 -2.18 -1.11 -4.39
N LEU B 417 -1.79 -2.06 -5.23
CA LEU B 417 -0.48 -2.69 -5.07
C LEU B 417 0.64 -1.67 -5.08
N GLY B 418 0.65 -0.80 -6.09
CA GLY B 418 1.67 0.22 -6.20
C GLY B 418 2.57 0.10 -7.41
N PHE B 419 2.36 -0.85 -8.31
CA PHE B 419 3.17 -0.98 -9.52
C PHE B 419 2.41 -0.65 -10.79
N PHE B 420 1.09 -0.44 -10.71
CA PHE B 420 0.29 -0.19 -11.89
C PHE B 420 -0.61 1.02 -11.65
N ASP B 421 -0.83 1.79 -12.71
CA ASP B 421 -1.64 3.00 -12.59
C ASP B 421 -3.10 2.61 -12.38
N PRO B 422 -3.79 3.20 -11.41
CA PRO B 422 -5.14 2.73 -11.07
C PRO B 422 -6.16 2.87 -12.19
N GLU B 423 -5.91 3.72 -13.18
CA GLU B 423 -6.85 3.94 -14.28
C GLU B 423 -6.57 3.08 -15.50
N SER B 424 -5.58 2.19 -15.45
CA SER B 424 -5.23 1.37 -16.60
C SER B 424 -5.78 -0.04 -16.55
N ILE B 425 -6.10 -0.56 -15.36
CA ILE B 425 -6.59 -1.92 -15.25
C ILE B 425 -7.94 -2.02 -15.92
N LYS B 426 -8.05 -2.91 -16.91
CA LYS B 426 -9.29 -3.05 -17.68
C LYS B 426 -9.53 -4.50 -18.05
N PRO B 427 -10.34 -5.23 -17.27
CA PRO B 427 -10.66 -6.60 -17.63
C PRO B 427 -11.43 -6.67 -18.93
N GLU B 428 -11.26 -7.80 -19.63
CA GLU B 428 -11.90 -7.99 -20.92
C GLU B 428 -12.38 -9.44 -20.99
N PHE B 429 -13.69 -9.62 -20.87
CA PHE B 429 -14.27 -10.96 -20.95
C PHE B 429 -14.00 -11.56 -22.32
N ARG B 430 -13.27 -12.68 -22.34
CA ARG B 430 -12.89 -13.33 -23.57
C ARG B 430 -13.34 -14.78 -23.56
N ASN B 431 -13.64 -15.29 -24.75
CA ASN B 431 -14.10 -16.67 -24.93
C ASN B 431 -15.33 -16.99 -24.09
N VAL B 432 -16.24 -16.04 -23.99
CA VAL B 432 -17.49 -16.26 -23.25
C VAL B 432 -18.33 -17.27 -24.03
N ASP B 433 -18.53 -18.44 -23.45
CA ASP B 433 -19.24 -19.52 -24.12
C ASP B 433 -20.53 -19.78 -23.35
N PRO B 434 -21.70 -19.55 -23.94
CA PRO B 434 -22.95 -19.69 -23.19
C PRO B 434 -23.45 -21.11 -23.04
N ALA B 435 -22.75 -22.09 -23.59
CA ALA B 435 -23.20 -23.49 -23.51
C ALA B 435 -22.60 -24.20 -22.30
N ALA B 436 -21.28 -24.23 -22.20
CA ALA B 436 -20.61 -24.94 -21.12
C ALA B 436 -20.37 -24.08 -19.88
N GLY B 437 -20.70 -22.79 -19.94
CA GLY B 437 -20.52 -21.92 -18.80
C GLY B 437 -19.07 -21.66 -18.45
N THR B 438 -18.33 -21.07 -19.39
CA THR B 438 -16.93 -20.70 -19.16
C THR B 438 -16.73 -19.24 -19.55
N VAL B 439 -16.01 -18.51 -18.70
CA VAL B 439 -15.62 -17.14 -18.99
C VAL B 439 -14.13 -17.00 -18.68
N ASP B 440 -13.36 -16.49 -19.65
CA ASP B 440 -11.92 -16.36 -19.54
C ASP B 440 -11.60 -14.88 -19.44
N ILE B 441 -11.03 -14.47 -18.29
CA ILE B 441 -10.81 -13.05 -18.06
C ILE B 441 -9.34 -12.71 -18.31
N GLU B 442 -9.12 -11.53 -18.92
CA GLU B 442 -7.80 -11.06 -19.29
C GLU B 442 -7.59 -9.66 -18.71
N TYR B 443 -6.69 -9.56 -17.72
CA TYR B 443 -6.41 -8.28 -17.10
C TYR B 443 -5.35 -7.52 -17.88
N GLN B 444 -5.71 -6.40 -18.48
CA GLN B 444 -4.79 -5.56 -19.23
C GLN B 444 -4.22 -4.50 -18.30
N LEU B 445 -2.90 -4.53 -18.12
CA LEU B 445 -2.22 -3.69 -17.15
C LEU B 445 -1.17 -2.83 -17.83
N VAL B 446 -0.98 -1.62 -17.29
CA VAL B 446 0.04 -0.70 -17.75
C VAL B 446 0.85 -0.25 -16.55
N GLU B 447 2.17 -0.35 -16.64
CA GLU B 447 3.05 0.01 -15.55
C GLU B 447 3.13 1.52 -15.39
N LYS B 448 3.39 1.95 -14.15
CA LYS B 448 3.41 3.37 -13.82
C LYS B 448 4.79 3.85 -13.40
N GLY B 449 5.41 3.24 -12.39
CA GLY B 449 6.69 3.69 -11.91
C GLY B 449 7.06 3.13 -10.56
N SER B 450 8.35 3.15 -10.23
CA SER B 450 8.82 2.57 -8.98
C SER B 450 9.24 3.65 -7.98
N SER B 451 10.09 4.58 -8.41
CA SER B 451 10.65 5.58 -7.51
C SER B 451 9.59 6.51 -6.96
N GLN B 452 9.78 6.96 -5.72
CA GLN B 452 8.83 7.86 -5.07
C GLN B 452 9.49 8.56 -3.89
N VAL B 453 9.26 9.85 -3.74
CA VAL B 453 9.89 10.66 -2.71
C VAL B 453 8.85 11.08 -1.69
N GLU B 454 9.15 10.88 -0.41
CA GLU B 454 8.24 11.18 0.68
C GLU B 454 8.79 12.31 1.54
N LEU B 455 7.87 13.06 2.15
CA LEU B 455 8.26 14.21 2.95
C LEU B 455 7.45 14.32 4.24
N GLN B 456 7.20 13.19 4.90
CA GLN B 456 6.43 13.19 6.13
C GLN B 456 7.15 13.98 7.22
N GLY B 457 6.37 14.66 8.05
CA GLY B 457 6.90 15.42 9.17
C GLY B 457 5.99 16.56 9.52
N GLY B 458 6.56 17.60 10.13
CA GLY B 458 5.77 18.76 10.49
C GLY B 458 6.48 19.86 11.25
N TYR B 459 5.98 21.09 11.07
CA TYR B 459 6.40 22.26 11.83
C TYR B 459 5.55 22.36 13.09
N GLY B 460 5.49 23.54 13.70
CA GLY B 460 4.72 23.68 14.92
C GLY B 460 5.42 24.33 16.10
N GLY B 461 6.37 25.20 15.81
CA GLY B 461 7.06 25.98 16.82
C GLY B 461 8.35 25.34 17.30
N GLY B 462 8.35 24.02 17.42
CA GLY B 462 9.58 23.31 17.67
C GLY B 462 10.49 23.40 16.47
N GLY B 463 10.04 22.84 15.35
CA GLY B 463 10.82 22.90 14.13
C GLY B 463 10.55 21.68 13.29
N PHE B 464 11.27 21.61 12.19
CA PHE B 464 11.18 20.46 11.28
C PHE B 464 11.51 19.18 12.02
N ILE B 465 10.53 18.28 12.14
CA ILE B 465 10.74 16.98 12.75
C ILE B 465 10.53 15.93 11.67
N GLY B 466 10.82 16.30 10.43
CA GLY B 466 10.41 15.54 9.27
C GLY B 466 11.46 14.55 8.79
N THR B 467 11.12 13.91 7.67
CA THR B 467 11.95 12.92 7.02
C THR B 467 12.13 13.28 5.56
N LEU B 468 12.84 12.45 4.82
CA LEU B 468 12.96 12.58 3.37
C LEU B 468 13.39 11.22 2.84
N GLY B 469 12.55 10.57 2.06
CA GLY B 469 12.77 9.19 1.69
C GLY B 469 12.72 8.98 0.19
N LEU B 470 13.74 8.30 -0.32
CA LEU B 470 13.79 7.87 -1.70
C LEU B 470 13.60 6.37 -1.73
N SER B 471 12.52 5.90 -2.34
CA SER B 471 12.10 4.51 -2.24
C SER B 471 11.82 3.94 -3.62
N PHE B 472 12.29 2.71 -3.85
CA PHE B 472 11.88 1.94 -5.02
C PHE B 472 11.01 0.78 -4.55
N ASN B 473 9.80 0.68 -5.09
CA ASN B 473 8.80 -0.28 -4.62
C ASN B 473 8.80 -1.54 -5.47
N ASN B 474 9.76 -1.69 -6.37
CA ASN B 474 9.79 -2.86 -7.24
C ASN B 474 11.20 -3.43 -7.36
N PHE B 475 11.90 -3.52 -6.24
CA PHE B 475 13.25 -4.05 -6.22
C PHE B 475 13.23 -5.57 -6.38
N SER B 476 14.40 -6.14 -6.70
CA SER B 476 14.58 -7.58 -6.83
C SER B 476 15.98 -7.91 -6.32
N ALA B 477 16.04 -8.60 -5.19
CA ALA B 477 17.30 -8.88 -4.52
C ALA B 477 17.99 -10.12 -5.09
N ARG B 478 17.29 -10.82 -6.00
CA ARG B 478 17.87 -12.00 -6.63
C ARG B 478 18.54 -11.70 -7.95
N LYS B 479 18.53 -10.44 -8.40
CA LYS B 479 19.15 -10.02 -9.64
C LYS B 479 20.09 -8.85 -9.38
N LEU B 480 20.67 -8.82 -8.18
CA LEU B 480 21.62 -7.78 -7.81
C LEU B 480 22.95 -7.92 -8.54
N PHE B 481 23.21 -9.06 -9.18
CA PHE B 481 24.45 -9.31 -9.90
C PHE B 481 24.17 -9.63 -11.35
N ASP B 482 23.16 -8.96 -11.92
CA ASP B 482 22.75 -9.14 -13.31
C ASP B 482 22.89 -7.80 -14.02
N LYS B 483 23.89 -7.69 -14.89
CA LYS B 483 24.25 -6.44 -15.52
C LYS B 483 23.10 -5.89 -16.37
N ASP B 484 22.44 -6.75 -17.14
CA ASP B 484 21.38 -6.31 -18.03
C ASP B 484 20.20 -5.75 -17.24
N ALA B 485 19.77 -6.45 -16.19
CA ALA B 485 18.58 -6.07 -15.45
C ALA B 485 18.81 -4.88 -14.54
N TYR B 486 20.06 -4.47 -14.31
CA TYR B 486 20.39 -3.41 -13.37
C TYR B 486 20.23 -2.02 -13.94
N LYS B 487 19.12 -1.72 -14.63
CA LYS B 487 19.07 -0.40 -15.25
C LYS B 487 18.76 0.75 -14.28
N PRO B 488 17.55 0.93 -13.64
CA PRO B 488 17.51 1.84 -12.50
C PRO B 488 17.60 1.10 -11.16
N LEU B 489 18.62 0.26 -10.96
CA LEU B 489 18.64 -0.75 -9.91
C LEU B 489 17.60 -1.82 -10.23
N PRO B 490 17.84 -3.08 -9.87
CA PRO B 490 17.04 -4.18 -10.43
C PRO B 490 15.55 -4.02 -10.16
N MET B 491 14.76 -4.36 -11.17
CA MET B 491 13.31 -4.37 -11.07
C MET B 491 12.81 -5.81 -11.18
N GLY B 492 11.58 -6.03 -10.77
CA GLY B 492 11.10 -7.38 -10.60
C GLY B 492 10.02 -7.52 -9.55
N ASP B 493 10.29 -8.35 -8.54
CA ASP B 493 9.33 -8.67 -7.49
C ASP B 493 8.93 -7.42 -6.69
N GLY B 494 8.00 -7.59 -5.76
CA GLY B 494 7.41 -6.47 -5.07
C GLY B 494 8.19 -5.97 -3.87
N GLN B 495 9.45 -6.38 -3.76
CA GLN B 495 10.29 -5.91 -2.66
C GLN B 495 10.49 -4.40 -2.74
N LYS B 496 10.48 -3.76 -1.59
CA LYS B 496 10.56 -2.31 -1.47
C LYS B 496 11.82 -1.94 -0.69
N VAL B 497 12.66 -1.10 -1.29
CA VAL B 497 13.90 -0.65 -0.66
C VAL B 497 13.86 0.87 -0.57
N ALA B 498 14.10 1.38 0.63
CA ALA B 498 13.98 2.81 0.89
C ALA B 498 15.19 3.33 1.62
N LEU B 499 15.72 4.47 1.16
CA LEU B 499 16.78 5.19 1.85
C LEU B 499 16.17 6.47 2.38
N ARG B 500 16.22 6.65 3.70
CA ARG B 500 15.54 7.75 4.36
C ARG B 500 16.53 8.55 5.19
N LEU B 501 16.33 9.88 5.19
CA LEU B 501 17.08 10.78 6.04
C LEU B 501 16.07 11.56 6.88
N GLN B 502 16.01 11.24 8.16
CA GLN B 502 15.13 11.91 9.10
C GLN B 502 15.93 12.94 9.88
N GLY B 503 15.32 14.08 10.17
CA GLY B 503 16.11 15.14 10.74
C GLY B 503 15.31 16.07 11.60
N SER B 504 16.04 16.95 12.29
CA SER B 504 15.48 17.99 13.13
C SER B 504 16.59 18.98 13.43
N THR B 505 16.36 19.92 14.35
CA THR B 505 17.39 20.82 14.79
C THR B 505 18.37 20.16 15.75
N TYR B 506 18.11 18.91 16.13
CA TYR B 506 18.94 18.25 17.13
C TYR B 506 19.26 16.80 16.84
N PHE B 507 18.83 16.23 15.71
CA PHE B 507 19.18 14.85 15.40
C PHE B 507 19.19 14.65 13.90
N GLN B 508 20.02 13.72 13.46
CA GLN B 508 20.09 13.32 12.05
C GLN B 508 20.18 11.79 12.00
N THR B 509 19.28 11.16 11.25
CA THR B 509 19.20 9.71 11.18
C THR B 509 19.18 9.27 9.72
N TYR B 510 20.07 8.36 9.36
CA TYR B 510 20.13 7.78 8.04
C TYR B 510 19.75 6.31 8.11
N SER B 511 18.77 5.90 7.32
CA SER B 511 18.20 4.56 7.44
C SER B 511 18.04 3.92 6.06
N LEU B 512 18.23 2.61 6.04
CA LEU B 512 18.01 1.79 4.86
C LEU B 512 17.06 0.67 5.23
N SER B 513 16.00 0.50 4.44
CA SER B 513 14.96 -0.47 4.75
C SER B 513 14.67 -1.34 3.53
N PHE B 514 14.36 -2.61 3.79
CA PHE B 514 14.08 -3.59 2.74
C PHE B 514 12.90 -4.45 3.20
N SER B 515 11.86 -4.51 2.37
CA SER B 515 10.63 -5.21 2.74
C SER B 515 10.22 -6.16 1.62
N GLU B 516 9.92 -7.40 1.99
CA GLU B 516 9.38 -8.40 1.07
C GLU B 516 7.96 -8.73 1.50
N PRO B 517 6.96 -8.47 0.66
CA PRO B 517 5.57 -8.68 1.09
C PRO B 517 5.12 -10.13 1.03
N TRP B 518 6.00 -11.06 0.66
CA TRP B 518 5.62 -12.48 0.58
C TRP B 518 6.90 -13.29 0.75
N PHE B 519 7.11 -13.81 1.96
CA PHE B 519 8.34 -14.52 2.29
C PHE B 519 8.11 -16.02 2.14
N GLY B 520 9.01 -16.68 1.41
CA GLY B 520 8.88 -18.08 1.12
C GLY B 520 8.01 -18.41 -0.06
N GLY B 521 7.24 -17.44 -0.55
CA GLY B 521 6.40 -17.64 -1.73
C GLY B 521 5.10 -18.36 -1.46
N LYS B 522 4.81 -18.73 -0.23
CA LYS B 522 3.62 -19.52 0.07
C LYS B 522 2.58 -18.74 0.87
N LYS B 523 2.98 -18.06 1.93
CA LYS B 523 2.04 -17.35 2.78
C LYS B 523 2.40 -15.87 2.83
N PRO B 524 1.42 -15.00 3.02
CA PRO B 524 1.70 -13.55 3.09
C PRO B 524 2.37 -13.16 4.40
N VAL B 525 3.66 -13.42 4.51
CA VAL B 525 4.43 -13.06 5.70
C VAL B 525 5.43 -11.96 5.32
N GLN B 526 5.07 -10.72 5.61
CA GLN B 526 5.92 -9.60 5.25
C GLN B 526 7.20 -9.61 6.09
N PHE B 527 8.35 -9.49 5.44
CA PHE B 527 9.64 -9.48 6.09
C PHE B 527 10.27 -8.11 5.91
N SER B 528 10.56 -7.44 7.01
CA SER B 528 11.12 -6.09 6.98
C SER B 528 12.45 -6.06 7.72
N SER B 529 13.47 -5.53 7.06
CA SER B 529 14.78 -5.37 7.65
C SER B 529 15.20 -3.92 7.53
N SER B 530 15.93 -3.45 8.55
CA SER B 530 16.28 -2.04 8.61
C SER B 530 17.61 -1.85 9.30
N ILE B 531 18.43 -0.96 8.76
CA ILE B 531 19.70 -0.58 9.37
C ILE B 531 19.78 0.94 9.39
N SER B 532 20.07 1.51 10.55
CA SER B 532 20.03 2.96 10.67
C SER B 532 21.10 3.44 11.64
N TYR B 533 21.56 4.67 11.40
CA TYR B 533 22.54 5.34 12.25
C TYR B 533 22.03 6.75 12.53
N SER B 534 22.01 7.14 13.79
CA SER B 534 21.46 8.42 14.22
C SER B 534 22.44 9.13 15.14
N LYS B 535 22.50 10.45 15.01
CA LYS B 535 23.30 11.30 15.87
C LYS B 535 22.41 12.37 16.46
N GLN B 536 22.38 12.47 17.79
CA GLN B 536 21.49 13.41 18.47
C GLN B 536 22.27 14.19 19.52
N PHE B 537 21.76 15.39 19.81
CA PHE B 537 22.38 16.29 20.77
C PHE B 537 21.41 16.56 21.92
N ASN B 538 21.96 17.03 23.03
CA ASN B 538 21.13 17.38 24.18
C ASN B 538 20.20 18.51 23.82
N TYR B 539 19.00 18.49 24.41
CA TYR B 539 17.95 19.42 24.00
C TYR B 539 16.89 19.46 25.10
N ASN B 540 16.52 20.67 25.51
CA ASN B 540 15.49 20.89 26.52
C ASN B 540 14.25 21.38 25.77
N TYR B 541 13.24 20.51 25.68
CA TYR B 541 12.05 20.85 24.89
C TYR B 541 11.25 21.99 25.51
N SER B 542 11.27 22.10 26.84
CA SER B 542 10.55 23.19 27.50
C SER B 542 11.12 24.56 27.18
N SER B 543 12.42 24.64 26.87
CA SER B 543 13.06 25.90 26.51
C SER B 543 14.10 25.59 25.43
N ARG B 544 13.76 25.96 24.19
CA ARG B 544 14.54 25.62 23.00
C ARG B 544 16.02 25.91 23.19
N ASP B 545 16.84 24.87 23.20
CA ASP B 545 18.27 25.00 23.44
C ASP B 545 18.96 23.75 22.93
N VAL B 546 19.86 23.92 21.96
CA VAL B 546 20.62 22.81 21.40
C VAL B 546 22.04 22.93 21.92
N ASN B 547 22.45 21.98 22.76
CA ASN B 547 23.82 21.90 23.23
C ASN B 547 24.58 20.92 22.34
N ARG B 548 25.54 21.43 21.57
CA ARG B 548 26.21 20.62 20.56
C ARG B 548 27.46 19.93 21.07
N ASN B 549 27.85 20.15 22.33
CA ASN B 549 28.98 19.44 22.91
C ASN B 549 28.56 18.23 23.74
N GLN B 550 27.26 17.92 23.78
CA GLN B 550 26.73 16.75 24.46
C GLN B 550 25.93 15.95 23.45
N SER B 551 26.51 14.88 22.91
CA SER B 551 25.88 14.19 21.80
C SER B 551 26.04 12.69 21.96
N PHE B 552 25.11 11.94 21.37
CA PHE B 552 25.16 10.49 21.43
C PHE B 552 24.56 9.90 20.16
N ASN B 553 25.05 8.70 19.82
CA ASN B 553 24.77 8.06 18.56
C ASN B 553 24.11 6.71 18.78
N ILE B 554 23.24 6.35 17.84
CA ILE B 554 22.49 5.10 17.88
C ILE B 554 22.74 4.33 16.59
N PHE B 555 23.08 3.05 16.71
CA PHE B 555 23.21 2.15 15.58
C PHE B 555 22.21 1.02 15.76
N THR B 556 21.27 0.89 14.82
CA THR B 556 20.17 -0.05 14.98
C THR B 556 20.06 -0.98 13.78
N VAL B 557 19.85 -2.26 14.08
CA VAL B 557 19.59 -3.30 13.09
C VAL B 557 18.36 -4.08 13.52
N GLN B 558 17.37 -4.17 12.64
CA GLN B 558 16.06 -4.71 12.98
C GLN B 558 15.58 -5.67 11.91
N VAL B 559 15.02 -6.81 12.34
CA VAL B 559 14.43 -7.80 11.44
C VAL B 559 13.07 -8.21 11.97
N GLY B 560 12.07 -8.25 11.08
CA GLY B 560 10.72 -8.49 11.54
C GLY B 560 9.88 -9.24 10.53
N LEU B 561 8.93 -10.01 11.03
CA LEU B 561 7.95 -10.73 10.23
C LEU B 561 6.55 -10.37 10.71
N ALA B 562 5.69 -9.99 9.77
CA ALA B 562 4.30 -9.67 10.05
C ALA B 562 3.41 -10.63 9.28
N LYS B 563 2.54 -11.33 9.98
CA LYS B 563 1.69 -12.37 9.41
C LYS B 563 0.23 -12.04 9.62
N ARG B 564 -0.57 -12.23 8.57
CA ARG B 564 -2.02 -12.10 8.66
C ARG B 564 -2.56 -13.43 9.18
N LEU B 565 -2.61 -13.55 10.50
CA LEU B 565 -3.04 -14.79 11.13
C LEU B 565 -4.49 -15.12 10.76
N THR B 566 -4.75 -16.40 10.51
CA THR B 566 -5.94 -16.84 9.80
C THR B 566 -6.99 -17.42 10.74
N VAL B 567 -8.20 -16.84 10.68
CA VAL B 567 -9.47 -17.31 11.24
C VAL B 567 -9.50 -17.58 12.74
N PRO B 568 -8.90 -16.73 13.61
CA PRO B 568 -9.56 -16.34 14.87
C PRO B 568 -10.31 -15.03 14.70
N ASP B 569 -11.23 -14.99 13.73
CA ASP B 569 -11.77 -13.79 13.11
C ASP B 569 -10.69 -13.12 12.27
N ASP B 570 -11.10 -12.49 11.17
CA ASP B 570 -10.16 -11.88 10.24
C ASP B 570 -9.75 -10.50 10.75
N TYR B 571 -9.04 -9.74 9.90
CA TYR B 571 -8.54 -8.40 10.19
C TYR B 571 -7.56 -8.38 11.36
N PHE B 572 -6.79 -9.44 11.56
CA PHE B 572 -5.78 -9.50 12.61
C PHE B 572 -4.40 -9.65 11.99
N VAL B 573 -3.42 -8.98 12.59
CA VAL B 573 -2.03 -9.03 12.13
C VAL B 573 -1.13 -9.23 13.34
N LEU B 574 -0.22 -10.20 13.25
CA LEU B 574 0.75 -10.48 14.30
C LEU B 574 2.14 -10.13 13.78
N SER B 575 2.80 -9.20 14.47
CA SER B 575 4.11 -8.71 14.04
C SER B 575 5.15 -9.04 15.10
N GLN B 576 6.22 -9.70 14.69
CA GLN B 576 7.33 -10.02 15.57
C GLN B 576 8.60 -9.40 15.01
N SER B 577 9.52 -9.02 15.90
CA SER B 577 10.75 -8.42 15.42
C SER B 577 11.85 -8.59 16.47
N VAL B 578 13.07 -8.67 15.99
CA VAL B 578 14.28 -8.72 16.80
C VAL B 578 15.14 -7.53 16.42
N SER B 579 15.57 -6.78 17.43
CA SER B 579 16.29 -5.53 17.21
C SER B 579 17.53 -5.49 18.09
N TYR B 580 18.61 -4.96 17.51
CA TYR B 580 19.85 -4.72 18.22
C TYR B 580 20.24 -3.27 18.06
N GLN B 581 20.56 -2.62 19.17
CA GLN B 581 20.85 -1.19 19.20
C GLN B 581 22.10 -0.93 20.02
N HIS B 582 22.93 -0.04 19.52
CA HIS B 582 24.15 0.39 20.20
C HIS B 582 24.05 1.89 20.46
N TYR B 583 24.24 2.28 21.72
CA TYR B 583 24.22 3.67 22.13
C TYR B 583 25.64 4.07 22.50
N ASP B 584 26.20 5.01 21.76
CA ASP B 584 27.55 5.51 22.02
C ASP B 584 27.42 6.96 22.49
N LEU B 585 27.71 7.20 23.76
CA LEU B 585 27.56 8.52 24.35
C LEU B 585 28.82 9.35 24.15
N ASN B 586 28.68 10.67 24.30
CA ASN B 586 29.80 11.59 24.19
C ASN B 586 29.45 12.83 25.01
N ASN B 587 30.05 12.91 26.20
CA ASN B 587 29.85 14.02 27.13
C ASN B 587 28.36 14.20 27.45
N TYR B 588 27.68 13.07 27.66
CA TYR B 588 26.24 13.08 27.94
C TYR B 588 26.04 12.99 29.45
N TYR B 589 26.17 14.14 30.12
CA TYR B 589 25.83 14.24 31.53
C TYR B 589 24.55 15.04 31.62
N THR B 590 23.42 14.34 31.45
CA THR B 590 22.11 14.96 31.35
C THR B 590 21.07 13.95 31.81
N GLY B 591 20.04 14.45 32.48
CA GLY B 591 18.99 13.56 32.97
C GLY B 591 19.54 12.59 34.00
N LEU B 592 19.10 11.35 33.90
CA LEU B 592 19.53 10.32 34.82
C LEU B 592 20.77 9.58 34.34
N PHE B 593 21.37 10.01 33.23
CA PHE B 593 22.62 9.43 32.77
C PHE B 593 23.77 9.92 33.64
N THR B 594 24.63 9.00 34.06
CA THR B 594 25.87 9.35 34.73
C THR B 594 27.09 8.87 33.97
N PHE B 595 26.96 7.84 33.13
CA PHE B 595 28.06 7.33 32.33
C PHE B 595 28.10 8.13 31.02
N GLY B 596 28.56 9.37 31.14
CA GLY B 596 28.52 10.29 30.03
C GLY B 596 29.41 9.94 28.85
N ASN B 597 30.35 9.00 29.03
CA ASN B 597 31.29 8.68 27.96
C ASN B 597 31.29 7.19 27.61
N GLY B 598 30.40 6.41 28.20
CA GLY B 598 30.37 4.97 27.99
C GLY B 598 29.52 4.58 26.79
N ALA B 599 28.87 3.42 26.92
CA ALA B 599 28.04 2.89 25.84
C ALA B 599 27.04 1.90 26.42
N SER B 600 25.99 1.65 25.66
CA SER B 600 24.94 0.74 26.07
C SER B 600 24.54 -0.15 24.89
N ARG B 601 24.09 -1.36 25.21
CA ARG B 601 23.65 -2.32 24.22
C ARG B 601 22.21 -2.72 24.51
N ASN B 602 21.45 -2.96 23.45
CA ASN B 602 20.01 -3.26 23.57
C ASN B 602 19.68 -4.40 22.64
N LEU B 603 19.18 -5.51 23.19
CA LEU B 603 18.72 -6.66 22.41
C LEU B 603 17.27 -6.90 22.78
N ALA B 604 16.37 -6.72 21.82
CA ALA B 604 14.95 -6.73 22.12
C ALA B 604 14.19 -7.61 21.15
N TYR B 605 13.10 -8.20 21.64
CA TYR B 605 12.14 -8.94 20.83
C TYR B 605 10.76 -8.36 21.09
N THR B 606 10.11 -7.89 20.03
CA THR B 606 8.81 -7.23 20.15
C THR B 606 7.76 -8.06 19.43
N ILE B 607 6.64 -8.30 20.12
CA ILE B 607 5.52 -9.06 19.58
C ILE B 607 4.26 -8.23 19.74
N GLY B 608 3.49 -8.11 18.66
CA GLY B 608 2.33 -7.25 18.66
C GLY B 608 1.16 -7.78 17.87
N LEU B 609 -0.05 -7.49 18.34
CA LEU B 609 -1.28 -7.91 17.71
C LEU B 609 -2.11 -6.67 17.37
N SER B 610 -2.56 -6.58 16.12
CA SER B 610 -3.31 -5.44 15.63
C SER B 610 -4.56 -5.91 14.93
N ARG B 611 -5.71 -5.42 15.38
CA ARG B 611 -7.00 -5.67 14.74
C ARG B 611 -7.52 -4.36 14.18
N SER B 612 -7.99 -4.39 12.93
CA SER B 612 -8.43 -3.20 12.22
C SER B 612 -9.68 -3.52 11.42
N ASN B 613 -10.82 -3.01 11.86
CA ASN B 613 -12.05 -3.10 11.07
C ASN B 613 -12.20 -1.85 10.20
N LYS B 614 -12.35 -0.70 10.83
CA LYS B 614 -12.17 0.62 10.21
C LYS B 614 -12.86 0.71 8.85
N GLY B 615 -14.17 0.57 8.85
CA GLY B 615 -14.94 0.65 7.63
C GLY B 615 -15.78 1.90 7.53
N VAL B 616 -16.13 2.30 6.31
CA VAL B 616 -15.70 1.61 5.10
C VAL B 616 -14.68 2.47 4.34
N ASN B 617 -14.85 3.78 4.42
CA ASN B 617 -13.96 4.68 3.71
C ASN B 617 -12.61 4.76 4.44
N PRO B 618 -11.50 4.47 3.78
CA PRO B 618 -10.21 4.46 4.47
C PRO B 618 -9.78 5.83 5.00
N ILE B 619 -10.35 6.91 4.49
CA ILE B 619 -9.91 8.25 4.88
C ILE B 619 -10.84 8.88 5.90
N PHE B 620 -12.12 8.51 5.89
CA PHE B 620 -13.11 9.03 6.84
C PHE B 620 -13.94 7.86 7.35
N PRO B 621 -13.51 7.21 8.44
CA PRO B 621 -14.27 6.07 8.94
C PRO B 621 -15.64 6.47 9.46
N THR B 622 -16.59 5.55 9.34
CA THR B 622 -17.90 5.69 9.95
C THR B 622 -18.12 4.75 11.11
N TYR B 623 -17.49 3.57 11.09
CA TYR B 623 -17.56 2.62 12.19
C TYR B 623 -16.21 1.92 12.29
N GLY B 624 -16.16 0.83 13.03
CA GLY B 624 -14.95 0.03 13.14
C GLY B 624 -14.14 0.37 14.38
N SER B 625 -12.99 -0.29 14.48
CA SER B 625 -12.10 -0.13 15.62
C SER B 625 -10.70 -0.52 15.22
N GLU B 626 -9.72 0.04 15.93
CA GLU B 626 -8.31 -0.26 15.71
C GLU B 626 -7.68 -0.54 17.07
N PHE B 627 -7.39 -1.80 17.33
CA PHE B 627 -6.83 -2.23 18.61
C PHE B 627 -5.42 -2.77 18.38
N SER B 628 -4.44 -2.16 19.04
CA SER B 628 -3.05 -2.58 18.92
C SER B 628 -2.47 -2.80 20.29
N ILE B 629 -1.89 -3.99 20.52
CA ILE B 629 -1.20 -4.30 21.76
C ILE B 629 0.19 -4.81 21.40
N SER B 630 1.21 -4.22 22.01
CA SER B 630 2.60 -4.57 21.68
C SER B 630 3.39 -4.78 22.96
N ALA B 631 4.32 -5.72 22.91
CA ALA B 631 5.16 -6.05 24.07
C ALA B 631 6.58 -6.29 23.59
N LYS B 632 7.51 -5.50 24.11
CA LYS B 632 8.93 -5.66 23.82
C LYS B 632 9.63 -6.18 25.06
N VAL B 633 10.41 -7.25 24.90
CA VAL B 633 11.07 -7.90 26.01
C VAL B 633 12.54 -8.10 25.67
N THR B 634 13.39 -7.89 26.66
CA THR B 634 14.80 -8.21 26.58
C THR B 634 15.10 -9.45 27.43
N PRO B 635 16.13 -10.22 27.12
CA PRO B 635 16.41 -11.43 27.88
C PRO B 635 16.61 -11.11 29.35
N PRO B 636 16.11 -11.96 30.24
CA PRO B 636 16.26 -11.73 31.68
C PRO B 636 17.67 -12.04 32.18
N TYR B 637 18.56 -11.06 32.04
CA TYR B 637 19.94 -11.25 32.43
C TYR B 637 20.09 -11.45 33.92
N SER B 638 19.23 -10.81 34.72
CA SER B 638 19.42 -10.81 36.17
C SER B 638 19.33 -12.22 36.76
N LEU B 639 18.38 -13.02 36.28
CA LEU B 639 18.17 -14.33 36.87
C LEU B 639 19.31 -15.29 36.57
N PHE B 640 20.10 -15.01 35.53
CA PHE B 640 21.14 -15.94 35.10
C PHE B 640 22.50 -15.60 35.69
N ASN B 641 22.98 -14.37 35.45
CA ASN B 641 24.30 -13.99 35.92
C ASN B 641 24.32 -13.88 37.44
N ASN B 642 25.46 -14.21 38.03
CA ASN B 642 25.62 -14.22 39.49
C ASN B 642 26.21 -12.90 39.97
N ILE B 643 25.52 -11.81 39.64
CA ILE B 643 25.90 -10.47 40.08
C ILE B 643 24.74 -9.90 40.89
N ASN B 644 25.03 -9.51 42.13
CA ASN B 644 24.03 -8.92 43.01
C ASN B 644 24.09 -7.41 42.85
N TYR B 645 23.08 -6.83 42.20
CA TYR B 645 23.10 -5.42 41.88
C TYR B 645 22.79 -4.53 43.07
N GLY B 646 22.17 -5.07 44.12
CA GLY B 646 21.89 -4.27 45.29
C GLY B 646 23.16 -3.86 46.03
N ASP B 647 24.15 -4.75 46.07
CA ASP B 647 25.39 -4.50 46.80
C ASP B 647 26.55 -4.16 45.87
N LEU B 648 26.26 -3.68 44.66
CA LEU B 648 27.30 -3.35 43.70
C LEU B 648 28.12 -2.14 44.14
N GLN B 649 27.57 -1.30 45.01
CA GLN B 649 28.24 -0.08 45.43
C GLN B 649 29.19 -0.29 46.62
N ASN B 650 29.20 -1.47 47.21
CA ASN B 650 30.03 -1.77 48.37
C ASN B 650 31.17 -2.73 48.01
N GLN B 651 31.71 -2.59 46.80
CA GLN B 651 32.83 -3.39 46.33
C GLN B 651 34.03 -2.50 46.06
N LYS B 652 35.23 -3.06 46.24
CA LYS B 652 36.44 -2.27 46.08
C LYS B 652 36.64 -1.81 44.64
N GLU B 653 35.99 -2.47 43.68
CA GLU B 653 36.23 -2.17 42.29
C GLU B 653 35.44 -0.98 41.77
N TYR B 654 34.57 -0.38 42.59
CA TYR B 654 33.67 0.65 42.11
C TYR B 654 33.59 1.84 43.06
N LYS B 655 34.66 2.12 43.82
CA LYS B 655 34.65 3.22 44.79
C LYS B 655 35.90 4.08 44.61
N THR B 656 35.82 5.05 43.69
CA THR B 656 36.77 6.15 43.55
C THR B 656 38.22 5.71 43.73
N GLN B 657 38.66 4.83 42.82
CA GLN B 657 40.01 4.30 42.89
C GLN B 657 41.08 5.38 42.80
N TYR B 658 40.79 6.51 42.16
CA TYR B 658 41.76 7.57 41.91
C TYR B 658 42.94 7.05 41.09
N THR B 659 42.62 6.72 39.84
CA THR B 659 43.64 6.22 38.91
C THR B 659 44.71 7.26 38.60
N GLY B 660 44.49 8.52 38.94
CA GLY B 660 45.48 9.55 38.75
C GLY B 660 46.79 9.26 39.44
N THR B 661 47.91 9.44 38.73
CA THR B 661 49.23 9.07 39.22
C THR B 661 49.97 10.24 39.86
N THR B 662 49.35 11.40 40.00
CA THR B 662 50.00 12.58 40.55
C THR B 662 49.55 12.79 41.99
N THR B 663 50.52 12.92 42.89
CA THR B 663 50.25 13.20 44.30
C THR B 663 50.43 14.69 44.56
N THR B 664 49.46 15.46 44.05
CA THR B 664 49.59 16.91 44.05
C THR B 664 49.20 17.52 45.40
N THR B 665 47.93 17.39 45.79
CA THR B 665 47.44 18.02 47.01
C THR B 665 46.05 17.46 47.31
N GLY B 666 45.56 17.75 48.51
CA GLY B 666 44.24 17.34 48.91
C GLY B 666 43.58 18.40 49.77
N ILE B 667 42.27 18.26 49.94
CA ILE B 667 41.51 19.23 50.73
C ILE B 667 41.87 19.14 52.20
N ASP B 668 42.30 17.96 52.67
CA ASP B 668 42.66 17.76 54.06
C ASP B 668 44.12 18.06 54.34
N GLY B 669 44.81 18.71 53.41
CA GLY B 669 46.22 19.01 53.57
C GLY B 669 47.15 17.87 53.21
N GLN B 670 46.62 16.72 52.80
CA GLN B 670 47.44 15.58 52.40
C GLN B 670 47.35 15.42 50.89
N ALA B 671 48.51 15.32 50.25
CA ALA B 671 48.54 15.02 48.83
C ALA B 671 48.04 13.61 48.59
N ILE B 672 47.12 13.45 47.65
CA ILE B 672 46.48 12.15 47.43
C ILE B 672 47.52 11.17 46.92
N ASN B 673 47.71 10.09 47.65
CA ASN B 673 48.62 9.04 47.21
C ASN B 673 48.06 8.39 45.94
N PRO B 674 48.85 8.31 44.87
CA PRO B 674 48.32 7.74 43.61
C PRO B 674 47.87 6.30 43.80
N GLY B 675 46.75 5.97 43.16
CA GLY B 675 46.17 4.64 43.30
C GLY B 675 45.64 4.34 44.69
N ASP B 676 44.99 5.31 45.33
CA ASP B 676 44.41 5.12 46.65
C ASP B 676 42.97 5.63 46.64
N TYR B 677 42.14 4.99 47.47
CA TYR B 677 40.74 5.35 47.52
C TYR B 677 40.53 6.70 48.20
N THR B 678 39.64 7.49 47.63
CA THR B 678 39.36 8.84 48.13
C THR B 678 37.88 8.99 48.40
N LYS B 679 37.54 10.06 49.10
CA LYS B 679 36.16 10.42 49.39
C LYS B 679 36.05 11.94 49.42
N THR B 680 34.99 12.46 48.83
CA THR B 680 34.77 13.91 48.81
C THR B 680 34.37 14.38 50.20
N GLU B 681 35.05 15.42 50.67
CA GLU B 681 34.80 15.98 52.00
C GLU B 681 34.91 17.50 51.89
N THR B 682 33.77 18.15 51.66
CA THR B 682 33.75 19.60 51.56
C THR B 682 33.98 20.24 52.92
N VAL B 683 34.66 21.38 52.92
CA VAL B 683 34.96 22.14 54.13
C VAL B 683 34.69 23.60 53.85
N ASN B 684 34.06 24.29 54.81
CA ASN B 684 33.70 25.70 54.68
C ASN B 684 32.77 25.92 53.50
N GLY B 685 33.30 26.42 52.40
CA GLY B 685 32.48 26.69 51.23
C GLY B 685 32.90 25.91 49.99
N GLN B 686 34.18 25.54 49.92
CA GLN B 686 34.71 24.83 48.78
C GLN B 686 34.77 23.33 49.06
N SER B 687 34.68 22.54 47.99
CA SER B 687 34.69 21.09 48.09
C SER B 687 36.13 20.58 47.99
N GLY B 688 36.27 19.27 47.87
CA GLY B 688 37.59 18.65 47.78
C GLY B 688 37.49 17.18 48.09
N THR B 689 38.65 16.53 48.03
CA THR B 689 38.75 15.09 48.27
C THR B 689 39.91 14.79 49.20
N VAL B 690 39.75 13.73 49.99
CA VAL B 690 40.76 13.31 50.97
C VAL B 690 41.00 11.82 50.80
N SER B 691 42.27 11.42 50.75
CA SER B 691 42.61 10.02 50.66
C SER B 691 42.33 9.30 51.98
N VAL B 692 41.97 8.02 51.87
CA VAL B 692 41.71 7.20 53.05
C VAL B 692 42.64 6.00 53.12
N GLY B 693 43.42 5.72 52.08
CA GLY B 693 44.36 4.60 52.10
C GLY B 693 43.72 3.27 51.79
N SER B 694 43.65 2.39 52.79
CA SER B 694 43.09 1.06 52.64
C SER B 694 41.80 0.90 53.45
N ASP B 695 40.96 1.95 53.41
CA ASP B 695 39.71 1.96 54.15
C ASP B 695 38.54 2.14 53.18
N TYR B 696 38.52 1.34 52.11
CA TYR B 696 37.50 1.49 51.08
C TYR B 696 36.10 1.37 51.64
N LYS B 697 35.94 0.67 52.77
CA LYS B 697 34.62 0.51 53.37
C LYS B 697 33.96 1.86 53.65
N SER B 698 34.75 2.89 53.89
CA SER B 698 34.27 4.25 54.02
C SER B 698 34.87 5.06 52.88
N ALA B 699 34.19 5.05 51.74
CA ALA B 699 34.61 5.81 50.56
C ALA B 699 33.37 6.22 49.79
N ASP B 700 33.56 6.85 48.64
CA ASP B 700 32.47 7.35 47.83
C ASP B 700 32.25 6.44 46.64
N THR B 701 31.00 6.04 46.43
CA THR B 701 30.68 5.15 45.33
C THR B 701 30.74 5.92 44.01
N ASP B 702 31.41 5.34 43.03
CA ASP B 702 31.48 5.92 41.69
C ASP B 702 30.17 5.60 41.00
N VAL B 703 29.22 6.53 41.07
CA VAL B 703 27.90 6.31 40.53
C VAL B 703 27.97 6.06 39.03
N GLY B 704 28.95 6.69 38.36
CA GLY B 704 29.11 6.46 36.94
C GLY B 704 29.41 5.02 36.60
N LYS B 705 30.36 4.42 37.32
CA LYS B 705 30.73 3.04 37.03
C LYS B 705 29.64 2.06 37.42
N VAL B 706 28.98 2.31 38.55
CA VAL B 706 27.87 1.45 38.96
C VAL B 706 26.75 1.51 37.94
N ASP B 707 26.42 2.71 37.45
CA ASP B 707 25.39 2.84 36.43
C ASP B 707 25.82 2.20 35.12
N GLN B 708 27.11 2.28 34.79
CA GLN B 708 27.60 1.63 33.58
C GLN B 708 27.43 0.12 33.66
N LYS B 709 27.75 -0.46 34.82
CA LYS B 709 27.55 -1.90 34.98
C LYS B 709 26.07 -2.23 34.98
N LYS B 710 25.24 -1.32 35.49
CA LYS B 710 23.80 -1.56 35.52
C LYS B 710 23.20 -1.54 34.12
N TYR B 711 23.70 -0.68 33.25
CA TYR B 711 23.09 -0.47 31.93
C TYR B 711 24.07 -0.74 30.79
N ASN B 712 25.02 -1.66 31.00
CA ASN B 712 25.87 -2.09 29.90
C ASN B 712 25.10 -2.99 28.94
N TRP B 713 24.09 -3.70 29.45
CA TRP B 713 23.20 -4.52 28.62
C TRP B 713 21.79 -4.26 29.14
N LEU B 714 21.01 -3.48 28.38
CA LEU B 714 19.72 -3.03 28.86
C LEU B 714 18.78 -4.19 29.13
N GLU B 715 18.11 -4.15 30.27
CA GLU B 715 17.15 -5.18 30.66
C GLU B 715 15.86 -4.49 31.10
N TYR B 716 14.76 -4.81 30.43
CA TYR B 716 13.50 -4.12 30.64
C TYR B 716 12.39 -4.87 29.92
N TYR B 717 11.15 -4.42 30.15
CA TYR B 717 10.00 -4.87 29.40
C TYR B 717 9.06 -3.71 29.19
N LYS B 718 8.50 -3.62 27.98
CA LYS B 718 7.70 -2.49 27.55
C LYS B 718 6.38 -3.00 26.98
N VAL B 719 5.29 -2.31 27.32
CA VAL B 719 3.95 -2.64 26.85
C VAL B 719 3.29 -1.39 26.33
N LYS B 720 2.66 -1.51 25.16
CA LYS B 720 1.94 -0.40 24.53
C LYS B 720 0.54 -0.87 24.13
N PHE B 721 -0.41 0.06 24.20
CA PHE B 721 -1.83 -0.25 24.01
C PHE B 721 -2.47 0.96 23.35
N LYS B 722 -3.09 0.76 22.19
CA LYS B 722 -3.82 1.80 21.49
C LYS B 722 -5.18 1.28 21.07
N ALA B 723 -6.22 2.10 21.21
CA ALA B 723 -7.59 1.67 20.95
C ALA B 723 -8.37 2.82 20.34
N ASP B 724 -8.77 2.67 19.08
CA ASP B 724 -9.66 3.58 18.38
C ASP B 724 -11.03 2.94 18.25
N TRP B 725 -12.07 3.69 18.61
CA TRP B 725 -13.44 3.20 18.76
C TRP B 725 -14.42 4.03 17.96
N TYR B 726 -14.13 4.23 16.67
CA TYR B 726 -14.97 5.02 15.79
C TYR B 726 -16.44 4.66 15.94
N THR B 727 -17.26 5.65 16.29
CA THR B 727 -18.70 5.47 16.47
C THR B 727 -19.44 6.42 15.54
N LYS B 728 -20.78 6.34 15.56
CA LYS B 728 -21.63 7.08 14.64
C LYS B 728 -22.71 7.82 15.40
N ILE B 729 -22.79 9.13 15.21
CA ILE B 729 -23.85 9.95 15.80
C ILE B 729 -24.30 10.97 14.74
N TYR B 730 -25.59 11.25 14.72
CA TYR B 730 -26.21 12.19 13.77
C TYR B 730 -25.94 11.68 12.35
N GLY B 731 -25.86 12.59 11.39
CA GLY B 731 -25.65 12.20 10.00
C GLY B 731 -24.26 12.51 9.50
N LYS B 732 -23.61 13.53 10.07
CA LYS B 732 -22.27 13.93 9.68
C LYS B 732 -21.26 13.88 10.80
N LEU B 733 -21.68 13.97 12.06
CA LEU B 733 -20.76 13.89 13.18
C LEU B 733 -20.14 12.49 13.25
N VAL B 734 -18.84 12.45 13.49
CA VAL B 734 -18.12 11.19 13.69
C VAL B 734 -17.24 11.37 14.93
N LEU B 735 -17.43 10.52 15.92
CA LEU B 735 -16.68 10.61 17.18
C LEU B 735 -15.62 9.52 17.22
N ARG B 736 -14.38 9.93 17.48
CA ARG B 736 -13.26 9.01 17.59
C ARG B 736 -12.69 9.08 19.00
N THR B 737 -12.48 7.91 19.60
CA THR B 737 -11.78 7.77 20.86
C THR B 737 -10.42 7.13 20.60
N LEU B 738 -9.42 7.54 21.36
CA LEU B 738 -8.03 7.12 21.16
C LEU B 738 -7.39 6.69 22.47
N THR B 739 -8.05 5.79 23.18
CA THR B 739 -7.55 5.36 24.48
C THR B 739 -6.18 4.70 24.33
N GLU B 740 -5.24 5.09 25.19
CA GLU B 740 -3.88 4.62 25.06
C GLU B 740 -3.31 4.27 26.43
N PHE B 741 -2.21 3.51 26.41
CA PHE B 741 -1.56 3.05 27.61
C PHE B 741 -0.08 2.82 27.32
N GLY B 742 0.70 2.67 28.38
CA GLY B 742 2.11 2.40 28.23
C GLY B 742 2.70 1.95 29.54
N PHE B 743 3.78 1.17 29.42
CA PHE B 743 4.41 0.61 30.60
C PHE B 743 5.85 0.27 30.26
N LEU B 744 6.76 0.58 31.17
CA LEU B 744 8.14 0.15 31.07
C LEU B 744 8.66 -0.24 32.45
N GLY B 745 9.30 -1.41 32.55
CA GLY B 745 9.72 -1.90 33.84
C GLY B 745 11.00 -2.71 33.75
N ALA B 746 11.53 -3.06 34.92
CA ALA B 746 12.76 -3.82 35.05
C ALA B 746 12.48 -5.11 35.80
N TYR B 747 13.04 -6.21 35.30
CA TYR B 747 12.83 -7.51 35.93
C TYR B 747 13.35 -7.52 37.36
N ASP B 748 14.56 -7.02 37.57
CA ASP B 748 15.15 -6.88 38.90
C ASP B 748 14.99 -5.42 39.31
N GLN B 749 14.18 -5.19 40.35
CA GLN B 749 13.96 -3.83 40.82
C GLN B 749 15.23 -3.19 41.36
N SER B 750 16.24 -4.00 41.68
CA SER B 750 17.51 -3.43 42.12
C SER B 750 18.30 -2.86 40.95
N ARG B 751 18.16 -3.43 39.76
CA ARG B 751 18.86 -2.91 38.60
C ARG B 751 18.32 -1.55 38.17
N GLY B 752 16.99 -1.38 38.23
CA GLY B 752 16.38 -0.10 37.96
C GLY B 752 15.81 -0.02 36.55
N VAL B 753 14.85 0.89 36.39
CA VAL B 753 14.24 1.12 35.08
C VAL B 753 15.28 1.74 34.16
N VAL B 754 15.34 1.24 32.93
CA VAL B 754 16.40 1.64 32.00
C VAL B 754 16.24 3.12 31.65
N PRO B 755 17.32 3.90 31.65
CA PRO B 755 17.20 5.30 31.21
C PRO B 755 16.79 5.46 29.76
N PHE B 756 17.07 4.48 28.90
CA PHE B 756 16.67 4.56 27.51
C PHE B 756 15.28 3.95 27.32
N GLU B 757 14.72 4.17 26.14
CA GLU B 757 13.43 3.61 25.73
C GLU B 757 12.31 4.02 26.69
N ARG B 758 12.10 5.33 26.76
CA ARG B 758 11.13 5.91 27.67
C ARG B 758 10.10 6.71 26.90
N PHE B 759 8.96 6.98 27.54
CA PHE B 759 7.84 7.65 26.92
C PHE B 759 7.93 9.16 27.18
N TYR B 760 7.60 9.94 26.15
CA TYR B 760 7.72 11.39 26.19
C TYR B 760 6.42 11.99 25.68
N LEU B 761 5.67 12.67 26.55
CA LEU B 761 4.36 13.18 26.19
C LEU B 761 4.44 14.64 25.78
N GLY B 762 3.63 15.01 24.79
CA GLY B 762 3.53 16.38 24.34
C GLY B 762 3.76 16.56 22.85
N GLY B 763 3.07 17.54 22.28
CA GLY B 763 3.26 17.89 20.88
C GLY B 763 2.52 16.97 19.93
N ASP B 764 2.76 17.20 18.65
CA ASP B 764 2.19 16.32 17.64
C ASP B 764 2.92 14.97 17.66
N GLY B 765 2.43 14.02 16.88
CA GLY B 765 3.00 12.69 16.88
C GLY B 765 3.69 12.32 15.59
N MET B 766 4.42 13.27 15.00
CA MET B 766 5.11 13.00 13.74
C MET B 766 6.46 12.32 13.94
N ALA B 767 6.97 12.30 15.16
CA ALA B 767 8.19 11.57 15.45
C ALA B 767 7.88 10.09 15.66
N ASN B 768 8.92 9.26 15.54
CA ASN B 768 8.79 7.81 15.65
C ASN B 768 9.84 7.27 16.62
N TYR B 769 9.87 5.95 16.74
CA TYR B 769 10.96 5.25 17.42
C TYR B 769 12.13 4.99 16.48
N SER B 770 11.94 5.17 15.18
CA SER B 770 13.06 5.03 14.26
C SER B 770 14.01 6.23 14.36
N MET B 771 13.46 7.42 14.61
CA MET B 771 14.30 8.61 14.67
C MET B 771 15.18 8.60 15.92
N ASP B 772 14.60 8.33 17.07
CA ASP B 772 15.34 8.33 18.33
C ASP B 772 14.91 7.18 19.22
N GLY B 773 15.39 7.15 20.45
CA GLY B 773 14.93 6.16 21.41
C GLY B 773 13.77 6.67 22.23
N ARG B 774 12.80 7.32 21.56
CA ARG B 774 11.70 7.99 22.21
C ARG B 774 10.37 7.59 21.58
N GLU B 775 9.30 7.73 22.35
CA GLU B 775 7.99 7.25 21.92
C GLU B 775 7.01 8.36 21.56
N THR B 776 7.32 9.62 21.89
CA THR B 776 6.66 10.83 21.37
C THR B 776 5.13 10.70 21.35
N ILE B 777 4.58 10.61 22.56
CA ILE B 777 3.14 10.65 22.77
C ILE B 777 2.59 11.96 22.21
N GLN B 778 1.31 11.98 21.86
CA GLN B 778 0.73 13.09 21.10
C GLN B 778 -0.34 13.82 21.91
N LEU B 779 -0.09 15.11 22.16
CA LEU B 779 -1.09 16.05 22.67
C LEU B 779 -0.90 17.36 21.91
N ARG B 780 -1.97 17.87 21.31
CA ARG B 780 -1.85 18.96 20.35
C ARG B 780 -2.03 20.35 20.97
N GLY B 781 -2.05 20.45 22.28
CA GLY B 781 -2.10 21.75 22.93
C GLY B 781 -0.79 22.25 23.50
N TYR B 782 0.29 21.49 23.37
CA TYR B 782 1.57 21.82 23.98
C TYR B 782 2.67 21.62 22.95
N PRO B 783 3.82 22.24 23.14
CA PRO B 783 4.90 22.07 22.17
C PRO B 783 5.42 20.64 22.21
N ASN B 784 6.26 20.33 21.24
CA ASN B 784 6.71 18.97 21.02
C ASN B 784 7.41 18.45 22.27
N ASN B 785 6.91 17.36 22.83
CA ASN B 785 7.63 16.57 23.83
C ASN B 785 7.94 17.41 25.07
N SER B 786 7.03 18.31 25.43
CA SER B 786 7.32 19.28 26.46
C SER B 786 6.71 18.96 27.81
N LEU B 787 5.85 17.95 27.90
CA LEU B 787 5.25 17.56 29.16
C LEU B 787 6.03 16.42 29.83
N THR B 788 7.16 16.02 29.26
CA THR B 788 7.97 14.96 29.85
C THR B 788 8.44 15.37 31.23
N PRO B 789 8.33 14.49 32.23
CA PRO B 789 8.73 14.87 33.59
C PRO B 789 10.20 15.25 33.67
N ILE B 790 10.51 16.18 34.56
CA ILE B 790 11.84 16.69 34.75
C ILE B 790 12.26 16.46 36.21
N ILE B 791 13.54 16.70 36.47
CA ILE B 791 14.11 16.48 37.79
C ILE B 791 13.74 17.65 38.69
N GLU B 792 12.67 17.48 39.47
CA GLU B 792 12.17 18.56 40.33
C GLU B 792 12.90 18.57 41.67
N ASP B 793 14.23 18.62 41.58
CA ASP B 793 15.10 18.74 42.74
C ASP B 793 15.91 20.02 42.56
N ARG B 794 15.53 21.07 43.30
CA ARG B 794 16.15 22.38 43.11
C ARG B 794 17.63 22.34 43.48
N ASN B 795 17.98 21.65 44.57
CA ASN B 795 19.37 21.59 44.99
C ASN B 795 20.25 20.81 44.02
N SER B 796 19.65 20.02 43.13
CA SER B 796 20.43 19.31 42.12
C SER B 796 20.99 20.28 41.10
N SER B 797 22.18 19.95 40.58
CA SER B 797 22.82 20.80 39.59
C SER B 797 22.08 20.80 38.26
N ARG B 798 21.19 19.83 38.04
CA ARG B 798 20.36 19.78 36.85
C ARG B 798 18.90 19.80 37.28
N TYR B 799 18.16 20.81 36.81
CA TYR B 799 16.77 21.00 37.20
C TYR B 799 15.81 20.81 36.04
N GLY B 800 15.98 21.57 34.96
CA GLY B 800 15.04 21.50 33.87
C GLY B 800 15.26 20.39 32.89
N GLN B 801 16.29 19.56 33.10
CA GLN B 801 16.58 18.48 32.18
C GLN B 801 15.49 17.42 32.25
N GLN B 802 15.11 16.88 31.09
CA GLN B 802 14.04 15.91 31.01
C GLN B 802 14.60 14.50 30.99
N ILE B 803 14.03 13.63 31.83
CA ILE B 803 14.51 12.27 32.00
C ILE B 803 13.67 11.31 31.16
N GLY B 804 12.37 11.40 31.29
CA GLY B 804 11.47 10.50 30.60
C GLY B 804 10.39 10.00 31.54
N ALA B 805 9.37 9.40 30.94
CA ALA B 805 8.22 8.88 31.68
C ALA B 805 8.05 7.41 31.41
N THR B 806 7.89 6.62 32.46
CA THR B 806 7.69 5.19 32.31
C THR B 806 6.22 4.80 32.17
N ILE B 807 5.31 5.53 32.83
CA ILE B 807 3.90 5.19 32.79
C ILE B 807 3.14 6.37 32.19
N TYR B 808 2.30 6.10 31.18
CA TYR B 808 1.53 7.16 30.57
C TYR B 808 0.16 6.67 30.14
N ASN B 809 -0.84 7.53 30.29
CA ASN B 809 -2.19 7.29 29.81
C ASN B 809 -2.71 8.50 29.06
N LYS B 810 -3.34 8.26 27.92
CA LYS B 810 -3.88 9.33 27.08
C LYS B 810 -5.30 8.98 26.68
N PHE B 811 -6.20 9.96 26.78
CA PHE B 811 -7.59 9.80 26.36
C PHE B 811 -7.96 10.99 25.49
N SER B 812 -8.43 10.72 24.28
CA SER B 812 -8.79 11.78 23.34
C SER B 812 -10.17 11.50 22.75
N MET B 813 -11.03 12.51 22.77
CA MET B 813 -12.33 12.46 22.11
C MET B 813 -12.36 13.53 21.03
N GLU B 814 -12.64 13.12 19.79
CA GLU B 814 -12.64 14.06 18.68
C GLU B 814 -13.92 13.91 17.88
N LEU B 815 -14.51 15.05 17.51
CA LEU B 815 -15.71 15.08 16.68
C LEU B 815 -15.37 15.64 15.30
N ARG B 816 -15.93 15.02 14.27
CA ARG B 816 -15.59 15.33 12.89
C ARG B 816 -16.84 15.56 12.06
N TYR B 817 -16.69 16.43 11.06
CA TYR B 817 -17.69 16.73 10.05
C TYR B 817 -17.06 16.55 8.67
N PRO B 818 -17.68 15.79 7.77
CA PRO B 818 -17.02 15.49 6.49
C PRO B 818 -16.73 16.71 5.63
N ILE B 819 -17.45 17.81 5.82
CA ILE B 819 -17.30 19.04 5.05
C ILE B 819 -17.34 18.75 3.55
N THR B 820 -16.16 18.56 2.93
CA THR B 820 -16.09 18.41 1.49
C THR B 820 -15.47 17.03 1.22
N LEU B 821 -16.11 15.99 1.75
CA LEU B 821 -15.68 14.62 1.46
C LEU B 821 -16.04 14.25 0.02
N LYS B 822 -15.02 14.14 -0.83
CA LYS B 822 -15.22 13.85 -2.24
C LYS B 822 -14.05 13.01 -2.73
N SER B 823 -13.91 12.91 -4.06
CA SER B 823 -12.79 12.23 -4.68
C SER B 823 -11.75 13.25 -5.14
N SER B 824 -10.48 12.86 -5.09
CA SER B 824 -9.32 13.70 -5.38
C SER B 824 -9.15 14.83 -4.39
N ALA B 825 -10.01 14.94 -3.38
CA ALA B 825 -9.93 15.95 -2.33
C ALA B 825 -10.87 15.54 -1.22
N SER B 826 -10.37 15.53 0.02
CA SER B 826 -11.12 15.05 1.17
C SER B 826 -11.00 16.03 2.33
N ILE B 827 -11.23 17.32 2.06
CA ILE B 827 -11.13 18.32 3.10
C ILE B 827 -12.25 18.12 4.11
N TYR B 828 -11.89 18.17 5.39
CA TYR B 828 -12.85 18.05 6.48
C TYR B 828 -12.30 18.74 7.72
N ALA B 829 -13.12 18.78 8.76
CA ALA B 829 -12.80 19.49 9.99
C ALA B 829 -12.93 18.57 11.20
N LEU B 830 -12.17 18.90 12.25
CA LEU B 830 -12.10 18.06 13.44
C LEU B 830 -11.88 18.93 14.66
N THR B 831 -12.48 18.52 15.79
CA THR B 831 -12.28 19.17 17.07
C THR B 831 -11.61 18.19 18.03
N PHE B 832 -11.06 18.73 19.12
CA PHE B 832 -10.30 17.93 20.08
C PHE B 832 -10.86 18.08 21.48
N LEU B 833 -10.68 17.04 22.29
CA LEU B 833 -10.67 17.16 23.75
C LEU B 833 -9.81 16.03 24.26
N GLU B 834 -8.58 16.35 24.68
CA GLU B 834 -7.58 15.35 25.01
C GLU B 834 -7.01 15.60 26.40
N ALA B 835 -6.59 14.51 27.04
CA ALA B 835 -5.98 14.55 28.35
C ALA B 835 -4.88 13.49 28.41
N GLY B 836 -3.73 13.87 28.91
CA GLY B 836 -2.60 12.96 29.02
C GLY B 836 -1.91 13.11 30.34
N SER B 837 -1.43 11.99 30.86
CA SER B 837 -0.73 11.97 32.14
C SER B 837 0.44 11.02 32.06
N SER B 838 1.61 11.48 32.48
CA SER B 838 2.84 10.70 32.45
C SER B 838 3.57 10.81 33.77
N TYR B 839 4.35 9.78 34.10
CA TYR B 839 5.11 9.79 35.32
C TYR B 839 6.31 8.87 35.18
N PRO B 840 7.46 9.25 35.76
CA PRO B 840 8.70 8.48 35.55
C PRO B 840 8.83 7.25 36.43
N THR B 841 8.09 7.21 37.53
CA THR B 841 8.11 6.04 38.42
C THR B 841 6.68 5.68 38.78
N PHE B 842 6.34 4.40 38.63
CA PHE B 842 5.03 3.92 39.04
C PHE B 842 5.02 3.61 40.53
N LYS B 843 5.47 4.56 41.35
CA LYS B 843 5.49 4.41 42.78
C LYS B 843 4.48 5.29 43.49
N ASP B 844 4.23 6.50 42.99
CA ASP B 844 3.20 7.37 43.52
C ASP B 844 2.42 8.01 42.39
N TYR B 845 2.08 7.22 41.38
CA TYR B 845 1.38 7.73 40.21
C TYR B 845 -0.07 8.05 40.57
N ASN B 846 -0.53 9.21 40.12
CA ASN B 846 -1.94 9.60 40.24
C ASN B 846 -2.46 9.89 38.85
N PRO B 847 -3.16 8.95 38.20
CA PRO B 847 -3.66 9.20 36.85
C PRO B 847 -4.92 10.06 36.86
N PHE B 848 -4.89 11.14 37.65
CA PHE B 848 -6.00 12.07 37.71
C PHE B 848 -5.55 13.51 37.46
N ASP B 849 -4.30 13.73 37.06
CA ASP B 849 -3.87 15.07 36.66
C ASP B 849 -4.35 15.38 35.25
N LEU B 850 -3.88 14.60 34.27
CA LEU B 850 -4.37 14.65 32.89
C LEU B 850 -4.39 16.07 32.33
N ASN B 851 -3.19 16.59 32.11
CA ASN B 851 -3.02 17.87 31.44
C ASN B 851 -3.91 17.95 30.21
N ARG B 852 -4.83 18.91 30.20
CA ARG B 852 -5.90 18.97 29.23
C ARG B 852 -5.53 19.88 28.07
N SER B 853 -6.08 19.58 26.89
CA SER B 853 -5.86 20.36 25.69
C SER B 853 -7.14 20.39 24.89
N ALA B 854 -7.49 21.56 24.37
CA ALA B 854 -8.72 21.70 23.58
C ALA B 854 -8.42 22.50 22.32
N GLY B 855 -9.00 22.06 21.20
CA GLY B 855 -8.76 22.80 19.97
C GLY B 855 -9.64 22.31 18.84
N ALA B 856 -9.34 22.84 17.66
CA ALA B 856 -10.03 22.46 16.43
C ALA B 856 -9.12 22.77 15.26
N GLY B 857 -9.41 22.16 14.12
CA GLY B 857 -8.58 22.33 12.95
C GLY B 857 -9.21 21.67 11.76
N LEU B 858 -8.40 21.52 10.70
CA LEU B 858 -8.87 20.93 9.45
C LEU B 858 -7.81 20.01 8.86
N ARG B 859 -8.28 19.02 8.11
CA ARG B 859 -7.44 18.13 7.32
C ARG B 859 -7.75 18.36 5.85
N VAL B 860 -6.71 18.32 5.01
CA VAL B 860 -6.87 18.33 3.56
C VAL B 860 -6.05 17.19 3.00
N PHE B 861 -6.62 16.46 2.04
CA PHE B 861 -5.93 15.35 1.41
C PHE B 861 -5.96 15.53 -0.10
N MET B 862 -4.83 15.25 -0.75
CA MET B 862 -4.67 15.35 -2.18
C MET B 862 -4.11 14.04 -2.73
N PRO B 863 -4.39 13.71 -3.99
CA PRO B 863 -3.92 12.40 -4.52
C PRO B 863 -2.43 12.19 -4.42
N ALA B 864 -1.63 13.25 -4.62
CA ALA B 864 -0.18 13.12 -4.57
C ALA B 864 0.46 13.93 -3.45
N PHE B 865 -0.16 15.03 -3.01
CA PHE B 865 0.47 15.87 -1.99
C PHE B 865 0.51 15.18 -0.63
N GLY B 866 -0.38 14.21 -0.40
CA GLY B 866 -0.47 13.57 0.89
C GLY B 866 -1.35 14.33 1.85
N LEU B 867 -1.59 13.70 3.00
CA LEU B 867 -2.47 14.28 4.01
C LEU B 867 -1.80 15.48 4.65
N LEU B 868 -2.25 16.67 4.29
CA LEU B 868 -1.80 17.91 4.91
C LEU B 868 -2.80 18.33 5.98
N GLY B 869 -2.33 19.14 6.92
CA GLY B 869 -3.22 19.57 7.99
C GLY B 869 -2.75 20.77 8.78
N ILE B 870 -3.70 21.52 9.31
CA ILE B 870 -3.46 22.66 10.19
C ILE B 870 -4.30 22.46 11.44
N ASP B 871 -3.67 22.58 12.61
CA ASP B 871 -4.38 22.39 13.87
C ASP B 871 -4.03 23.52 14.83
N PHE B 872 -4.98 23.84 15.69
CA PHE B 872 -4.81 24.85 16.72
C PHE B 872 -5.29 24.27 18.04
N GLY B 873 -4.59 24.60 19.12
CA GLY B 873 -4.92 24.02 20.41
C GLY B 873 -4.47 24.89 21.54
N TYR B 874 -5.24 24.87 22.62
CA TYR B 874 -4.96 25.58 23.85
C TYR B 874 -4.69 24.56 24.94
N GLY B 875 -3.57 24.72 25.63
CA GLY B 875 -3.19 23.84 26.71
C GLY B 875 -3.59 24.45 28.04
N PHE B 876 -4.46 23.73 28.76
CA PHE B 876 -5.03 24.27 29.99
C PHE B 876 -4.08 24.19 31.18
N ASP B 877 -3.00 23.42 31.07
CA ASP B 877 -2.09 23.22 32.19
C ASP B 877 -0.71 23.78 31.87
N ALA B 878 0.10 23.94 32.91
CA ALA B 878 1.42 24.54 32.79
C ALA B 878 2.45 23.49 32.39
N LEU B 879 3.43 23.93 31.60
CA LEU B 879 4.57 23.07 31.31
C LEU B 879 5.32 22.76 32.61
N PRO B 880 5.87 21.56 32.75
CA PRO B 880 6.60 21.24 33.98
C PRO B 880 7.79 22.16 34.16
N GLY B 881 8.02 22.57 35.40
CA GLY B 881 9.18 23.39 35.72
C GLY B 881 9.16 24.79 35.13
N SER B 882 8.02 25.48 35.18
CA SER B 882 7.93 26.86 34.74
C SER B 882 7.65 27.74 35.95
N THR B 883 8.12 28.99 35.88
CA THR B 883 8.05 29.89 37.03
C THR B 883 6.60 30.20 37.40
N THR B 884 5.88 30.84 36.48
CA THR B 884 4.48 31.16 36.70
C THR B 884 3.61 30.01 36.18
N ASN B 885 2.44 29.85 36.79
CA ASN B 885 1.53 28.79 36.37
C ASN B 885 1.07 29.01 34.94
N LYS B 886 0.27 30.05 34.73
CA LYS B 886 -0.24 30.43 33.41
C LYS B 886 -0.77 29.19 32.69
N ALA B 887 -0.60 29.15 31.38
CA ALA B 887 -0.95 28.01 30.54
C ALA B 887 -0.38 28.25 29.16
N ASN B 888 0.05 27.19 28.50
CA ASN B 888 0.61 27.34 27.16
C ASN B 888 -0.47 27.80 26.20
N GLY B 889 -0.14 28.78 25.37
CA GLY B 889 -1.09 29.40 24.49
C GLY B 889 -1.32 28.58 23.23
N TRP B 890 -1.92 29.25 22.24
CA TRP B 890 -2.23 28.59 20.98
C TRP B 890 -0.94 28.17 20.28
N GLU B 891 -0.96 26.96 19.71
CA GLU B 891 0.20 26.43 19.01
C GLU B 891 -0.21 25.99 17.62
N THR B 892 0.48 26.47 16.61
CA THR B 892 0.31 25.97 15.26
C THR B 892 0.85 24.56 15.17
N HIS B 893 0.18 23.71 14.38
CA HIS B 893 0.53 22.30 14.29
C HIS B 893 0.51 21.81 12.85
N PHE B 894 1.19 22.55 11.98
CA PHE B 894 1.30 22.16 10.58
C PHE B 894 1.86 20.75 10.45
N ILE B 895 1.15 19.89 9.74
CA ILE B 895 1.47 18.48 9.63
C ILE B 895 1.46 18.07 8.16
N ILE B 896 2.50 17.35 7.74
CA ILE B 896 2.54 16.72 6.43
C ILE B 896 2.66 15.22 6.62
N GLY B 897 1.78 14.48 5.94
CA GLY B 897 1.76 13.03 6.05
C GLY B 897 1.11 12.54 7.33
CA PHE B 900 5.55 15.04 -1.50
#